data_8F27
# 
_entry.id   8F27 
# 
_audit_conform.dict_name       mmcif_pdbx.dic 
_audit_conform.dict_version    5.380 
_audit_conform.dict_location   http://mmcif.pdb.org/dictionaries/ascii/mmcif_pdbx.dic 
# 
loop_
_database_2.database_id 
_database_2.database_code 
_database_2.pdbx_database_accession 
_database_2.pdbx_DOI 
PDB   8F27         pdb_00008f27 10.2210/pdb8f27/pdb 
WWPDB D_1000269884 ?            ?                   
# 
_pdbx_database_status.status_code                     REL 
_pdbx_database_status.status_code_sf                  REL 
_pdbx_database_status.status_code_mr                  ? 
_pdbx_database_status.entry_id                        8F27 
_pdbx_database_status.recvd_initial_deposition_date   2022-11-07 
_pdbx_database_status.SG_entry                        N 
_pdbx_database_status.deposit_site                    RCSB 
_pdbx_database_status.process_site                    RCSB 
_pdbx_database_status.status_code_cs                  ? 
_pdbx_database_status.status_code_nmr_data            ? 
_pdbx_database_status.methods_development_category    ? 
_pdbx_database_status.pdb_format_compatible           Y 
# 
loop_
_audit_author.name 
_audit_author.pdbx_ordinal 
_audit_author.identifier_ORCID 
'Zhang, W.'  1 0000-0003-4811-4384 
'Dantsu, Y.' 2 0000-0001-6774-8724 
# 
_citation.abstract                  ? 
_citation.abstract_id_CAS           ? 
_citation.book_id_ISBN              ? 
_citation.book_publisher            ? 
_citation.book_publisher_city       ? 
_citation.book_title                ? 
_citation.coordinate_linkage        ? 
_citation.country                   GE 
_citation.database_id_Medline       ? 
_citation.details                   ? 
_citation.id                        primary 
_citation.journal_abbrev            Chembiochem 
_citation.journal_id_ASTM           ? 
_citation.journal_id_CSD            ? 
_citation.journal_id_ISSN           1439-7633 
_citation.journal_full              ? 
_citation.journal_issue             ? 
_citation.journal_volume            24 
_citation.language                  ? 
_citation.page_first                e202200764 
_citation.page_last                 e202200764 
_citation.title                     
;Derivatization of Mirror-Image l-Nucleic Acids with 2'-OMe Modification for Thermal and Structural Stabilization.
;
_citation.year                      2023 
_citation.database_id_CSD           ? 
_citation.pdbx_database_id_DOI      10.1002/cbic.202200764 
_citation.pdbx_database_id_PubMed   36892526 
_citation.pdbx_database_id_patent   ? 
_citation.unpublished_flag          ? 
# 
loop_
_citation_author.citation_id 
_citation_author.name 
_citation_author.ordinal 
_citation_author.identifier_ORCID 
primary 'Dantsu, Y.' 1 0000-0001-6774-8724 
primary 'Zhang, W.'  2 0000-0003-4811-4384 
# 
_cell.angle_alpha                  90.00 
_cell.angle_alpha_esd              ? 
_cell.angle_beta                   90.00 
_cell.angle_beta_esd               ? 
_cell.angle_gamma                  120.00 
_cell.angle_gamma_esd              ? 
_cell.entry_id                     8F27 
_cell.details                      ? 
_cell.formula_units_Z              ? 
_cell.length_a                     46.310 
_cell.length_a_esd                 ? 
_cell.length_b                     46.310 
_cell.length_b_esd                 ? 
_cell.length_c                     43.520 
_cell.length_c_esd                 ? 
_cell.volume                       ? 
_cell.volume_esd                   ? 
_cell.Z_PDB                        12 
_cell.reciprocal_angle_alpha       ? 
_cell.reciprocal_angle_beta        ? 
_cell.reciprocal_angle_gamma       ? 
_cell.reciprocal_angle_alpha_esd   ? 
_cell.reciprocal_angle_beta_esd    ? 
_cell.reciprocal_angle_gamma_esd   ? 
_cell.reciprocal_length_a          ? 
_cell.reciprocal_length_b          ? 
_cell.reciprocal_length_c          ? 
_cell.reciprocal_length_a_esd      ? 
_cell.reciprocal_length_b_esd      ? 
_cell.reciprocal_length_c_esd      ? 
_cell.pdbx_unique_axis             ? 
_cell.pdbx_esd_method              ? 
# 
_symmetry.entry_id                         8F27 
_symmetry.cell_setting                     ? 
_symmetry.Int_Tables_number                170 
_symmetry.space_group_name_Hall            ? 
_symmetry.space_group_name_H-M             'P 65' 
_symmetry.pdbx_full_space_group_name_H-M   ? 
# 
loop_
_entity.id 
_entity.type 
_entity.src_method 
_entity.pdbx_description 
_entity.formula_weight 
_entity.pdbx_number_of_molecules 
_entity.pdbx_ec 
_entity.pdbx_mutation 
_entity.pdbx_fragment 
_entity.details 
1 polymer     syn 
;Mirror-image DNA (5'-D(*(0DG)P*(0MU)P*(0DG)P*(0DT)P*(0DA)P*(0DC)P*(0DA)P*(0DC))-3')
;
2442.617 2  ? ? ? ? 
2 non-polymer nat 'SULFATE ION'                                                                         96.063   1  ? ? ? ? 
3 water       nat water                                                                                 18.015   34 ? ? ? ? 
# 
_entity_poly.entity_id                      1 
_entity_poly.type                           polydeoxyribonucleotide 
_entity_poly.nstd_linkage                   no 
_entity_poly.nstd_monomer                   yes 
_entity_poly.pdbx_seq_one_letter_code       '(0DG)(XEC)(0DG)(0DT)(0DA)(0DC)(0DA)(0DC)' 
_entity_poly.pdbx_seq_one_letter_code_can   GXGTACAC 
_entity_poly.pdbx_strand_id                 A,B 
_entity_poly.pdbx_target_identifier         ? 
# 
loop_
_entity_poly_seq.entity_id 
_entity_poly_seq.num 
_entity_poly_seq.mon_id 
_entity_poly_seq.hetero 
1 1 0DG n 
1 2 XEC n 
1 3 0DG n 
1 4 0DT n 
1 5 0DA n 
1 6 0DC n 
1 7 0DA n 
1 8 0DC n 
# 
_pdbx_entity_src_syn.entity_id              1 
_pdbx_entity_src_syn.pdbx_src_id            1 
_pdbx_entity_src_syn.pdbx_alt_source_flag   sample 
_pdbx_entity_src_syn.pdbx_beg_seq_num       1 
_pdbx_entity_src_syn.pdbx_end_seq_num       8 
_pdbx_entity_src_syn.organism_scientific    'synthetic construct' 
_pdbx_entity_src_syn.organism_common_name   ? 
_pdbx_entity_src_syn.ncbi_taxonomy_id       32630 
_pdbx_entity_src_syn.details                ? 
# 
_struct_ref.id                         1 
_struct_ref.db_name                    PDB 
_struct_ref.db_code                    8F27 
_struct_ref.pdbx_db_accession          8F27 
_struct_ref.pdbx_db_isoform            ? 
_struct_ref.entity_id                  1 
_struct_ref.pdbx_seq_one_letter_code   ? 
_struct_ref.pdbx_align_begin           1 
# 
loop_
_struct_ref_seq.align_id 
_struct_ref_seq.ref_id 
_struct_ref_seq.pdbx_PDB_id_code 
_struct_ref_seq.pdbx_strand_id 
_struct_ref_seq.seq_align_beg 
_struct_ref_seq.pdbx_seq_align_beg_ins_code 
_struct_ref_seq.seq_align_end 
_struct_ref_seq.pdbx_seq_align_end_ins_code 
_struct_ref_seq.pdbx_db_accession 
_struct_ref_seq.db_align_beg 
_struct_ref_seq.pdbx_db_align_beg_ins_code 
_struct_ref_seq.db_align_end 
_struct_ref_seq.pdbx_db_align_end_ins_code 
_struct_ref_seq.pdbx_auth_seq_align_beg 
_struct_ref_seq.pdbx_auth_seq_align_end 
1 1 8F27 A 1 ? 8 ? 8F27 1 ? 8 ? 1 8 
2 1 8F27 B 1 ? 8 ? 8F27 1 ? 8 ? 1 8 
# 
loop_
_chem_comp.id 
_chem_comp.type 
_chem_comp.mon_nstd_flag 
_chem_comp.name 
_chem_comp.pdbx_synonyms 
_chem_comp.formula 
_chem_comp.formula_weight 
0DA 'L-DNA linking' . 
;2'-DEOXY-L-RIBO-FURANOSYL ADENOSINE-5'-MONOPHOSPHATE
;
? 'C10 H14 N5 O6 P' 331.222 
0DC 'L-DNA linking' . 
;2'-DEOXY-L-RIBO-FURANOSYL CYTOSINE-5'-MONOPHOSPHATE
;
? 'C9 H14 N3 O7 P'  307.197 
0DG 'L-DNA linking' . 
;2'-DEOXY-L-RIBO-FURANOSYL GUANINE-5'-MONOPHOSPHATE
;
? 'C10 H14 N5 O7 P' 347.221 
0DT 'L-DNA linking' . 
;2'-DEOXY-L-RIBO-FURANOSYL THYMIDINE-5'-MONOPHOSPHATE
;
? 'C10 H15 N2 O8 P' 322.208 
HOH non-polymer     . WATER                                                                          ? 'H2 O'            18.015  
SO4 non-polymer     . 'SULFATE ION'                                                                  ? 'O4 S -2'         96.063  
XEC 'RNA linking'   . '1-(2-O-methyl-5-O-phosphono-beta-L-ribofuranosyl)pyrimidine-2,4(1H,3H)-dione' ? 'C10 H15 N2 O9 P' 338.208 
# 
_exptl.absorpt_coefficient_mu     ? 
_exptl.absorpt_correction_T_max   ? 
_exptl.absorpt_correction_T_min   ? 
_exptl.absorpt_correction_type    ? 
_exptl.absorpt_process_details    ? 
_exptl.entry_id                   8F27 
_exptl.crystals_number            1 
_exptl.details                    ? 
_exptl.method                     'X-RAY DIFFRACTION' 
_exptl.method_details             ? 
# 
_exptl_crystal.colour                       ? 
_exptl_crystal.density_diffrn               ? 
_exptl_crystal.density_Matthews             2.67 
_exptl_crystal.density_method               ? 
_exptl_crystal.density_percent_sol          53.95 
_exptl_crystal.description                  ? 
_exptl_crystal.F_000                        ? 
_exptl_crystal.id                           1 
_exptl_crystal.preparation                  ? 
_exptl_crystal.size_max                     ? 
_exptl_crystal.size_mid                     ? 
_exptl_crystal.size_min                     ? 
_exptl_crystal.size_rad                     ? 
_exptl_crystal.colour_lustre                ? 
_exptl_crystal.colour_modifier              ? 
_exptl_crystal.colour_primary               ? 
_exptl_crystal.density_meas                 ? 
_exptl_crystal.density_meas_esd             ? 
_exptl_crystal.density_meas_gt              ? 
_exptl_crystal.density_meas_lt              ? 
_exptl_crystal.density_meas_temp            ? 
_exptl_crystal.density_meas_temp_esd        ? 
_exptl_crystal.density_meas_temp_gt         ? 
_exptl_crystal.density_meas_temp_lt         ? 
_exptl_crystal.pdbx_crystal_image_url       ? 
_exptl_crystal.pdbx_crystal_image_format    ? 
_exptl_crystal.pdbx_mosaicity               ? 
_exptl_crystal.pdbx_mosaicity_esd           ? 
_exptl_crystal.pdbx_mosaic_method           ? 
_exptl_crystal.pdbx_mosaic_block_size       ? 
_exptl_crystal.pdbx_mosaic_block_size_esd   ? 
# 
_exptl_crystal_grow.apparatus       ? 
_exptl_crystal_grow.atmosphere      ? 
_exptl_crystal_grow.crystal_id      1 
_exptl_crystal_grow.details         ? 
_exptl_crystal_grow.method          'VAPOR DIFFUSION, HANGING DROP' 
_exptl_crystal_grow.method_ref      ? 
_exptl_crystal_grow.pH              7.5 
_exptl_crystal_grow.pressure        ? 
_exptl_crystal_grow.pressure_esd    ? 
_exptl_crystal_grow.seeding         ? 
_exptl_crystal_grow.seeding_ref     ? 
_exptl_crystal_grow.temp            293 
_exptl_crystal_grow.temp_details    ? 
_exptl_crystal_grow.temp_esd        ? 
_exptl_crystal_grow.time            ? 
_exptl_crystal_grow.pdbx_details    '1.5 M Lithium sulfate, 50 mM TRIS pH 8.5, 5 % w/v Glycerol' 
_exptl_crystal_grow.pdbx_pH_range   ? 
# 
_diffrn.ambient_environment              ? 
_diffrn.ambient_temp                     99 
_diffrn.ambient_temp_details             ? 
_diffrn.ambient_temp_esd                 ? 
_diffrn.crystal_id                       1 
_diffrn.crystal_support                  ? 
_diffrn.crystal_treatment                ? 
_diffrn.details                          ? 
_diffrn.id                               1 
_diffrn.ambient_pressure                 ? 
_diffrn.ambient_pressure_esd             ? 
_diffrn.ambient_pressure_gt              ? 
_diffrn.ambient_pressure_lt              ? 
_diffrn.ambient_temp_gt                  ? 
_diffrn.ambient_temp_lt                  ? 
_diffrn.pdbx_serial_crystal_experiment   N 
# 
_diffrn_detector.details                      ? 
_diffrn_detector.detector                     CCD 
_diffrn_detector.diffrn_id                    1 
_diffrn_detector.type                         'RAYONIX MX-300' 
_diffrn_detector.area_resol_mean              ? 
_diffrn_detector.dtime                        ? 
_diffrn_detector.pdbx_frames_total            ? 
_diffrn_detector.pdbx_collection_time_total   ? 
_diffrn_detector.pdbx_collection_date         2022-10-15 
_diffrn_detector.pdbx_frequency               ? 
# 
_diffrn_radiation.collimation                      ? 
_diffrn_radiation.diffrn_id                        1 
_diffrn_radiation.filter_edge                      ? 
_diffrn_radiation.inhomogeneity                    ? 
_diffrn_radiation.monochromator                    ? 
_diffrn_radiation.polarisn_norm                    ? 
_diffrn_radiation.polarisn_ratio                   ? 
_diffrn_radiation.probe                            ? 
_diffrn_radiation.type                             ? 
_diffrn_radiation.xray_symbol                      ? 
_diffrn_radiation.wavelength_id                    1 
_diffrn_radiation.pdbx_monochromatic_or_laue_m_l   M 
_diffrn_radiation.pdbx_wavelength_list             ? 
_diffrn_radiation.pdbx_wavelength                  ? 
_diffrn_radiation.pdbx_diffrn_protocol             'SINGLE WAVELENGTH' 
_diffrn_radiation.pdbx_analyzer                    ? 
_diffrn_radiation.pdbx_scattering_type             x-ray 
# 
_diffrn_radiation_wavelength.id           1 
_diffrn_radiation_wavelength.wavelength   0.987 
_diffrn_radiation_wavelength.wt           1.0 
# 
_diffrn_source.current                     ? 
_diffrn_source.details                     ? 
_diffrn_source.diffrn_id                   1 
_diffrn_source.power                       ? 
_diffrn_source.size                        ? 
_diffrn_source.source                      SYNCHROTRON 
_diffrn_source.target                      ? 
_diffrn_source.type                        'APS BEAMLINE 21-ID-F' 
_diffrn_source.voltage                     ? 
_diffrn_source.take-off_angle              ? 
_diffrn_source.pdbx_wavelength_list        0.987 
_diffrn_source.pdbx_wavelength             ? 
_diffrn_source.pdbx_synchrotron_beamline   21-ID-F 
_diffrn_source.pdbx_synchrotron_site       APS 
# 
_reflns.B_iso_Wilson_estimate                          ? 
_reflns.entry_id                                       8F27 
_reflns.data_reduction_details                         ? 
_reflns.data_reduction_method                          ? 
_reflns.d_resolution_high                              1.60 
_reflns.d_resolution_low                               29.51 
_reflns.details                                        ? 
_reflns.limit_h_max                                    ? 
_reflns.limit_h_min                                    ? 
_reflns.limit_k_max                                    ? 
_reflns.limit_k_min                                    ? 
_reflns.limit_l_max                                    ? 
_reflns.limit_l_min                                    ? 
_reflns.number_all                                     ? 
_reflns.number_obs                                     7021 
_reflns.observed_criterion                             ? 
_reflns.observed_criterion_F_max                       ? 
_reflns.observed_criterion_F_min                       ? 
_reflns.observed_criterion_I_max                       ? 
_reflns.observed_criterion_I_min                       ? 
_reflns.observed_criterion_sigma_F                     ? 
_reflns.observed_criterion_sigma_I                     ? 
_reflns.percent_possible_obs                           99.4 
_reflns.R_free_details                                 ? 
_reflns.Rmerge_F_all                                   ? 
_reflns.Rmerge_F_obs                                   ? 
_reflns.Friedel_coverage                               ? 
_reflns.number_gt                                      ? 
_reflns.threshold_expression                           ? 
_reflns.pdbx_redundancy                                9.8 
_reflns.pdbx_Rmerge_I_obs                              0.044 
_reflns.pdbx_Rmerge_I_all                              ? 
_reflns.pdbx_Rsym_value                                ? 
_reflns.pdbx_netI_over_av_sigmaI                       ? 
_reflns.pdbx_netI_over_sigmaI                          22.1 
_reflns.pdbx_res_netI_over_av_sigmaI_2                 ? 
_reflns.pdbx_res_netI_over_sigmaI_2                    ? 
_reflns.pdbx_chi_squared                               0.95 
_reflns.pdbx_scaling_rejects                           ? 
_reflns.pdbx_d_res_high_opt                            ? 
_reflns.pdbx_d_res_low_opt                             ? 
_reflns.pdbx_d_res_opt_method                          ? 
_reflns.phase_calculation_details                      ? 
_reflns.pdbx_Rrim_I_all                                0.048 
_reflns.pdbx_Rpim_I_all                                0.02 
_reflns.pdbx_d_opt                                     ? 
_reflns.pdbx_number_measured_all                       ? 
_reflns.pdbx_diffrn_id                                 1 
_reflns.pdbx_ordinal                                   1 
_reflns.pdbx_CC_half                                   1.00 
_reflns.pdbx_CC_star                                   ? 
_reflns.pdbx_R_split                                   ? 
_reflns.pdbx_aniso_diffraction_limit_axis_1_ortho[1]   ? 
_reflns.pdbx_aniso_diffraction_limit_axis_1_ortho[2]   ? 
_reflns.pdbx_aniso_diffraction_limit_axis_1_ortho[3]   ? 
_reflns.pdbx_aniso_diffraction_limit_axis_2_ortho[1]   ? 
_reflns.pdbx_aniso_diffraction_limit_axis_2_ortho[2]   ? 
_reflns.pdbx_aniso_diffraction_limit_axis_2_ortho[3]   ? 
_reflns.pdbx_aniso_diffraction_limit_axis_3_ortho[1]   ? 
_reflns.pdbx_aniso_diffraction_limit_axis_3_ortho[2]   ? 
_reflns.pdbx_aniso_diffraction_limit_axis_3_ortho[3]   ? 
_reflns.pdbx_aniso_diffraction_limit_1                 ? 
_reflns.pdbx_aniso_diffraction_limit_2                 ? 
_reflns.pdbx_aniso_diffraction_limit_3                 ? 
_reflns.pdbx_aniso_B_tensor_eigenvector_1_ortho[1]     ? 
_reflns.pdbx_aniso_B_tensor_eigenvector_1_ortho[2]     ? 
_reflns.pdbx_aniso_B_tensor_eigenvector_1_ortho[3]     ? 
_reflns.pdbx_aniso_B_tensor_eigenvector_2_ortho[1]     ? 
_reflns.pdbx_aniso_B_tensor_eigenvector_2_ortho[2]     ? 
_reflns.pdbx_aniso_B_tensor_eigenvector_2_ortho[3]     ? 
_reflns.pdbx_aniso_B_tensor_eigenvector_3_ortho[1]     ? 
_reflns.pdbx_aniso_B_tensor_eigenvector_3_ortho[2]     ? 
_reflns.pdbx_aniso_B_tensor_eigenvector_3_ortho[3]     ? 
_reflns.pdbx_aniso_B_tensor_eigenvalue_1               ? 
_reflns.pdbx_aniso_B_tensor_eigenvalue_2               ? 
_reflns.pdbx_aniso_B_tensor_eigenvalue_3               ? 
_reflns.pdbx_orthogonalization_convention              ? 
_reflns.pdbx_percent_possible_ellipsoidal              ? 
_reflns.pdbx_percent_possible_spherical                ? 
_reflns.pdbx_percent_possible_ellipsoidal_anomalous    ? 
_reflns.pdbx_percent_possible_spherical_anomalous      ? 
_reflns.pdbx_redundancy_anomalous                      ? 
_reflns.pdbx_CC_half_anomalous                         ? 
_reflns.pdbx_absDiff_over_sigma_anomalous              ? 
_reflns.pdbx_percent_possible_anomalous                ? 
_reflns.pdbx_observed_signal_threshold                 ? 
_reflns.pdbx_signal_type                               ? 
_reflns.pdbx_signal_details                            ? 
_reflns.pdbx_signal_software_id                        ? 
_reflns.pdbx_CC_split_method                           ? 
# 
_reflns_shell.d_res_high                                    1.60 
_reflns_shell.d_res_low                                     1.64 
_reflns_shell.meanI_over_sigI_all                           ? 
_reflns_shell.meanI_over_sigI_obs                           2.2 
_reflns_shell.number_measured_all                           ? 
_reflns_shell.number_measured_obs                           ? 
_reflns_shell.number_possible                               ? 
_reflns_shell.number_unique_all                             ? 
_reflns_shell.number_unique_obs                             470 
_reflns_shell.percent_possible_all                          93.6 
_reflns_shell.percent_possible_obs                          ? 
_reflns_shell.Rmerge_F_all                                  ? 
_reflns_shell.Rmerge_F_obs                                  ? 
_reflns_shell.Rmerge_I_all                                  ? 
_reflns_shell.Rmerge_I_obs                                  0.559 
_reflns_shell.meanI_over_sigI_gt                            ? 
_reflns_shell.meanI_over_uI_all                             ? 
_reflns_shell.meanI_over_uI_gt                              ? 
_reflns_shell.number_measured_gt                            ? 
_reflns_shell.number_unique_gt                              ? 
_reflns_shell.percent_possible_gt                           ? 
_reflns_shell.Rmerge_F_gt                                   ? 
_reflns_shell.Rmerge_I_gt                                   ? 
_reflns_shell.pdbx_redundancy                               4.8 
_reflns_shell.pdbx_Rsym_value                               ? 
_reflns_shell.pdbx_chi_squared                              0.65 
_reflns_shell.pdbx_netI_over_sigmaI_all                     ? 
_reflns_shell.pdbx_netI_over_sigmaI_obs                     ? 
_reflns_shell.pdbx_Rrim_I_all                               0.694 
_reflns_shell.pdbx_Rpim_I_all                               0.402 
_reflns_shell.pdbx_rejects                                  ? 
_reflns_shell.pdbx_ordinal                                  1 
_reflns_shell.pdbx_diffrn_id                                1 
_reflns_shell.pdbx_CC_half                                  0.88 
_reflns_shell.pdbx_CC_star                                  ? 
_reflns_shell.pdbx_R_split                                  ? 
_reflns_shell.pdbx_percent_possible_ellipsoidal             ? 
_reflns_shell.pdbx_percent_possible_spherical               ? 
_reflns_shell.pdbx_percent_possible_ellipsoidal_anomalous   ? 
_reflns_shell.pdbx_percent_possible_spherical_anomalous     ? 
_reflns_shell.pdbx_redundancy_anomalous                     ? 
_reflns_shell.pdbx_CC_half_anomalous                        ? 
_reflns_shell.pdbx_absDiff_over_sigma_anomalous             ? 
_reflns_shell.pdbx_percent_possible_anomalous               ? 
# 
_refine.aniso_B[1][1]                            0.00 
_refine.aniso_B[1][2]                            0.00 
_refine.aniso_B[1][3]                            0.00 
_refine.aniso_B[2][2]                            0.00 
_refine.aniso_B[2][3]                            -0.00 
_refine.aniso_B[3][3]                            -0.01 
_refine.B_iso_max                                ? 
_refine.B_iso_mean                               28.974 
_refine.B_iso_min                                ? 
_refine.correlation_coeff_Fo_to_Fc               0.968 
_refine.correlation_coeff_Fo_to_Fc_free          0.964 
_refine.details                                  'HYDROGENS HAVE BEEN ADDED IN THE RIDING POSITIONS' 
_refine.diff_density_max                         ? 
_refine.diff_density_max_esd                     ? 
_refine.diff_density_min                         ? 
_refine.diff_density_min_esd                     ? 
_refine.diff_density_rms                         ? 
_refine.diff_density_rms_esd                     ? 
_refine.entry_id                                 8F27 
_refine.pdbx_refine_id                           'X-RAY DIFFRACTION' 
_refine.ls_abs_structure_details                 ? 
_refine.ls_abs_structure_Flack                   ? 
_refine.ls_abs_structure_Flack_esd               ? 
_refine.ls_abs_structure_Rogers                  ? 
_refine.ls_abs_structure_Rogers_esd              ? 
_refine.ls_d_res_high                            1.60 
_refine.ls_d_res_low                             29.51 
_refine.ls_extinction_coef                       ? 
_refine.ls_extinction_coef_esd                   ? 
_refine.ls_extinction_expression                 ? 
_refine.ls_extinction_method                     ? 
_refine.ls_goodness_of_fit_all                   ? 
_refine.ls_goodness_of_fit_all_esd               ? 
_refine.ls_goodness_of_fit_obs                   ? 
_refine.ls_goodness_of_fit_obs_esd               ? 
_refine.ls_hydrogen_treatment                    ? 
_refine.ls_matrix_type                           ? 
_refine.ls_number_constraints                    ? 
_refine.ls_number_parameters                     ? 
_refine.ls_number_reflns_all                     ? 
_refine.ls_number_reflns_obs                     6694 
_refine.ls_number_reflns_R_free                  299 
_refine.ls_number_reflns_R_work                  ? 
_refine.ls_number_restraints                     ? 
_refine.ls_percent_reflns_obs                    99.19 
_refine.ls_percent_reflns_R_free                 4.3 
_refine.ls_R_factor_all                          ? 
_refine.ls_R_factor_obs                          0.19306 
_refine.ls_R_factor_R_free                       0.20517 
_refine.ls_R_factor_R_free_error                 ? 
_refine.ls_R_factor_R_free_error_details         ? 
_refine.ls_R_factor_R_work                       0.19254 
_refine.ls_R_Fsqd_factor_obs                     ? 
_refine.ls_R_I_factor_obs                        ? 
_refine.ls_redundancy_reflns_all                 ? 
_refine.ls_redundancy_reflns_obs                 ? 
_refine.ls_restrained_S_all                      ? 
_refine.ls_restrained_S_obs                      ? 
_refine.ls_shift_over_esd_max                    ? 
_refine.ls_shift_over_esd_mean                   ? 
_refine.ls_structure_factor_coef                 ? 
_refine.ls_weighting_details                     ? 
_refine.ls_weighting_scheme                      ? 
_refine.ls_wR_factor_all                         ? 
_refine.ls_wR_factor_obs                         ? 
_refine.ls_wR_factor_R_free                      ? 
_refine.ls_wR_factor_R_work                      ? 
_refine.occupancy_max                            ? 
_refine.occupancy_min                            ? 
_refine.solvent_model_details                    MASK 
_refine.solvent_model_param_bsol                 ? 
_refine.solvent_model_param_ksol                 ? 
_refine.pdbx_R_complete                          ? 
_refine.ls_R_factor_gt                           ? 
_refine.ls_goodness_of_fit_gt                    ? 
_refine.ls_goodness_of_fit_ref                   ? 
_refine.ls_shift_over_su_max                     ? 
_refine.ls_shift_over_su_max_lt                  ? 
_refine.ls_shift_over_su_mean                    ? 
_refine.ls_shift_over_su_mean_lt                 ? 
_refine.pdbx_ls_sigma_I                          ? 
_refine.pdbx_ls_sigma_F                          ? 
_refine.pdbx_ls_sigma_Fsqd                       ? 
_refine.pdbx_data_cutoff_high_absF               ? 
_refine.pdbx_data_cutoff_high_rms_absF           ? 
_refine.pdbx_data_cutoff_low_absF                ? 
_refine.pdbx_isotropic_thermal_model             ? 
_refine.pdbx_ls_cross_valid_method               THROUGHOUT 
_refine.pdbx_method_to_determine_struct          'MOLECULAR REPLACEMENT' 
_refine.pdbx_starting_model                      7MOO 
_refine.pdbx_stereochemistry_target_values       'MAXIMUM LIKELIHOOD' 
_refine.pdbx_R_Free_selection_details            RANDOM 
_refine.pdbx_stereochem_target_val_spec_case     ? 
_refine.pdbx_overall_ESU_R                       0.083 
_refine.pdbx_overall_ESU_R_Free                  0.078 
_refine.pdbx_solvent_vdw_probe_radii             1.20 
_refine.pdbx_solvent_ion_probe_radii             0.80 
_refine.pdbx_solvent_shrinkage_radii             0.80 
_refine.pdbx_real_space_R                        ? 
_refine.pdbx_density_correlation                 ? 
_refine.pdbx_pd_number_of_powder_patterns        ? 
_refine.pdbx_pd_number_of_points                 ? 
_refine.pdbx_pd_meas_number_of_points            ? 
_refine.pdbx_pd_proc_ls_prof_R_factor            ? 
_refine.pdbx_pd_proc_ls_prof_wR_factor           ? 
_refine.pdbx_pd_Marquardt_correlation_coeff      ? 
_refine.pdbx_pd_Fsqrd_R_factor                   ? 
_refine.pdbx_pd_ls_matrix_band_width             ? 
_refine.pdbx_overall_phase_error                 ? 
_refine.pdbx_overall_SU_R_free_Cruickshank_DPI   ? 
_refine.pdbx_overall_SU_R_free_Blow_DPI          ? 
_refine.pdbx_overall_SU_R_Blow_DPI               ? 
_refine.pdbx_TLS_residual_ADP_flag               ? 
_refine.pdbx_diffrn_id                           1 
_refine.overall_SU_B                             1.697 
_refine.overall_SU_ML                            0.057 
_refine.overall_SU_R_Cruickshank_DPI             ? 
_refine.overall_SU_R_free                        ? 
_refine.overall_FOM_free_R_set                   ? 
_refine.overall_FOM_work_R_set                   ? 
_refine.pdbx_average_fsc_overall                 ? 
_refine.pdbx_average_fsc_work                    ? 
_refine.pdbx_average_fsc_free                    ? 
# 
_refine_hist.pdbx_refine_id                   'X-RAY DIFFRACTION' 
_refine_hist.cycle_id                         1 
_refine_hist.details                          ? 
_refine_hist.d_res_high                       1.60 
_refine_hist.d_res_low                        29.51 
_refine_hist.number_atoms_solvent             34 
_refine_hist.number_atoms_total               363 
_refine_hist.number_reflns_all                ? 
_refine_hist.number_reflns_obs                ? 
_refine_hist.number_reflns_R_free             ? 
_refine_hist.number_reflns_R_work             ? 
_refine_hist.R_factor_all                     ? 
_refine_hist.R_factor_obs                     ? 
_refine_hist.R_factor_R_free                  ? 
_refine_hist.R_factor_R_work                  ? 
_refine_hist.pdbx_number_residues_total       ? 
_refine_hist.pdbx_B_iso_mean_ligand           ? 
_refine_hist.pdbx_B_iso_mean_solvent          ? 
_refine_hist.pdbx_number_atoms_protein        0 
_refine_hist.pdbx_number_atoms_nucleic_acid   324 
_refine_hist.pdbx_number_atoms_ligand         5 
_refine_hist.pdbx_number_atoms_lipid          ? 
_refine_hist.pdbx_number_atoms_carb           ? 
_refine_hist.pdbx_pseudo_atom_details         ? 
# 
loop_
_refine_ls_restr.pdbx_refine_id 
_refine_ls_restr.criterion 
_refine_ls_restr.dev_ideal 
_refine_ls_restr.dev_ideal_target 
_refine_ls_restr.number 
_refine_ls_restr.rejects 
_refine_ls_restr.type 
_refine_ls_restr.weight 
_refine_ls_restr.pdbx_restraint_function 
'X-RAY DIFFRACTION' ? 0.026 0.025  366 ? r_bond_refined_d             ? ? 
'X-RAY DIFFRACTION' ? 0.048 0.030  206 ? r_bond_other_d               ? ? 
'X-RAY DIFFRACTION' ? 3.182 2.895  560 ? r_angle_refined_deg          ? ? 
'X-RAY DIFFRACTION' ? 4.102 3.502  474 ? r_angle_other_deg            ? ? 
'X-RAY DIFFRACTION' ? ?     ?      ?   ? r_dihedral_angle_1_deg       ? ? 
'X-RAY DIFFRACTION' ? ?     ?      ?   ? r_dihedral_angle_2_deg       ? ? 
'X-RAY DIFFRACTION' ? ?     ?      ?   ? r_dihedral_angle_3_deg       ? ? 
'X-RAY DIFFRACTION' ? ?     ?      ?   ? r_dihedral_angle_4_deg       ? ? 
'X-RAY DIFFRACTION' ? 0.573 0.200  60  ? r_chiral_restr               ? ? 
'X-RAY DIFFRACTION' ? 0.015 0.021  186 ? r_gen_planes_refined         ? ? 
'X-RAY DIFFRACTION' ? 0.002 0.023  58  ? r_gen_planes_other           ? ? 
'X-RAY DIFFRACTION' ? ?     ?      ?   ? r_nbd_refined                ? ? 
'X-RAY DIFFRACTION' ? ?     ?      ?   ? r_nbd_other                  ? ? 
'X-RAY DIFFRACTION' ? ?     ?      ?   ? r_nbtor_refined              ? ? 
'X-RAY DIFFRACTION' ? ?     ?      ?   ? r_nbtor_other                ? ? 
'X-RAY DIFFRACTION' ? ?     ?      ?   ? r_xyhbond_nbd_refined        ? ? 
'X-RAY DIFFRACTION' ? ?     ?      ?   ? r_xyhbond_nbd_other          ? ? 
'X-RAY DIFFRACTION' ? ?     ?      ?   ? r_metal_ion_refined          ? ? 
'X-RAY DIFFRACTION' ? ?     ?      ?   ? r_metal_ion_other            ? ? 
'X-RAY DIFFRACTION' ? ?     ?      ?   ? r_symmetry_vdw_refined       ? ? 
'X-RAY DIFFRACTION' ? ?     ?      ?   ? r_symmetry_vdw_other         ? ? 
'X-RAY DIFFRACTION' ? ?     ?      ?   ? r_symmetry_hbond_refined     ? ? 
'X-RAY DIFFRACTION' ? ?     ?      ?   ? r_symmetry_hbond_other       ? ? 
'X-RAY DIFFRACTION' ? ?     ?      ?   ? r_symmetry_metal_ion_refined ? ? 
'X-RAY DIFFRACTION' ? ?     ?      ?   ? r_symmetry_metal_ion_other   ? ? 
'X-RAY DIFFRACTION' ? ?     ?      ?   ? r_mcbond_it                  ? ? 
'X-RAY DIFFRACTION' ? ?     ?      ?   ? r_mcbond_other               ? ? 
'X-RAY DIFFRACTION' ? ?     ?      ?   ? r_mcangle_it                 ? ? 
'X-RAY DIFFRACTION' ? ?     ?      ?   ? r_mcangle_other              ? ? 
'X-RAY DIFFRACTION' ? 2.068 2.857  366 ? r_scbond_it                  ? ? 
'X-RAY DIFFRACTION' ? 2.060 2.839  363 ? r_scbond_other               ? ? 
'X-RAY DIFFRACTION' ? ?     ?      ?   ? r_scangle_it                 ? ? 
'X-RAY DIFFRACTION' ? 2.897 4.273  555 ? r_scangle_other              ? ? 
'X-RAY DIFFRACTION' ? 3.252 25.891 488 ? r_long_range_B_refined       ? ? 
'X-RAY DIFFRACTION' ? 3.239 25.557 483 ? r_long_range_B_other         ? ? 
'X-RAY DIFFRACTION' ? ?     ?      ?   ? r_rigid_bond_restr           ? ? 
'X-RAY DIFFRACTION' ? ?     ?      ?   ? r_sphericity_free            ? ? 
'X-RAY DIFFRACTION' ? ?     ?      ?   ? r_sphericity_bonded          ? ? 
# 
_refine_ls_shell.pdbx_refine_id                   'X-RAY DIFFRACTION' 
_refine_ls_shell.d_res_high                       1.602 
_refine_ls_shell.d_res_low                        1.643 
_refine_ls_shell.number_reflns_all                ? 
_refine_ls_shell.number_reflns_obs                ? 
_refine_ls_shell.number_reflns_R_free             22 
_refine_ls_shell.number_reflns_R_work             446 
_refine_ls_shell.percent_reflns_obs               91.76 
_refine_ls_shell.percent_reflns_R_free            ? 
_refine_ls_shell.R_factor_all                     ? 
_refine_ls_shell.R_factor_obs                     ? 
_refine_ls_shell.R_factor_R_free                  0.320 
_refine_ls_shell.R_factor_R_free_error            ? 
_refine_ls_shell.R_factor_R_work                  0.303 
_refine_ls_shell.redundancy_reflns_all            ? 
_refine_ls_shell.redundancy_reflns_obs            ? 
_refine_ls_shell.wR_factor_all                    ? 
_refine_ls_shell.wR_factor_obs                    ? 
_refine_ls_shell.wR_factor_R_free                 ? 
_refine_ls_shell.wR_factor_R_work                 ? 
_refine_ls_shell.pdbx_R_complete                  ? 
_refine_ls_shell.pdbx_total_number_of_bins_used   20 
_refine_ls_shell.pdbx_phase_error                 ? 
_refine_ls_shell.pdbx_fsc_work                    ? 
_refine_ls_shell.pdbx_fsc_free                    ? 
# 
_struct.entry_id                     8F27 
_struct.title                        
;Mirror-image DNA containing 2'-OMe-L-uridine residue
;
_struct.pdbx_model_details           ? 
_struct.pdbx_formula_weight          ? 
_struct.pdbx_formula_weight_method   ? 
_struct.pdbx_model_type_details      ? 
_struct.pdbx_CASP_flag               N 
# 
_struct_keywords.entry_id        8F27 
_struct_keywords.text            
;Mirror-image DNA, 2'-OMe-modification, DNA
;
_struct_keywords.pdbx_keywords   DNA 
# 
loop_
_struct_asym.id 
_struct_asym.pdbx_blank_PDB_chainid_flag 
_struct_asym.pdbx_modified 
_struct_asym.entity_id 
_struct_asym.details 
A N N 1 ? 
B N N 1 ? 
C N N 2 ? 
D N N 3 ? 
E N N 3 ? 
# 
loop_
_struct_conn.id 
_struct_conn.conn_type_id 
_struct_conn.pdbx_leaving_atom_flag 
_struct_conn.pdbx_PDB_id 
_struct_conn.ptnr1_label_asym_id 
_struct_conn.ptnr1_label_comp_id 
_struct_conn.ptnr1_label_seq_id 
_struct_conn.ptnr1_label_atom_id 
_struct_conn.pdbx_ptnr1_label_alt_id 
_struct_conn.pdbx_ptnr1_PDB_ins_code 
_struct_conn.pdbx_ptnr1_standard_comp_id 
_struct_conn.ptnr1_symmetry 
_struct_conn.ptnr2_label_asym_id 
_struct_conn.ptnr2_label_comp_id 
_struct_conn.ptnr2_label_seq_id 
_struct_conn.ptnr2_label_atom_id 
_struct_conn.pdbx_ptnr2_label_alt_id 
_struct_conn.pdbx_ptnr2_PDB_ins_code 
_struct_conn.ptnr1_auth_asym_id 
_struct_conn.ptnr1_auth_comp_id 
_struct_conn.ptnr1_auth_seq_id 
_struct_conn.ptnr2_auth_asym_id 
_struct_conn.ptnr2_auth_comp_id 
_struct_conn.ptnr2_auth_seq_id 
_struct_conn.ptnr2_symmetry 
_struct_conn.pdbx_ptnr3_label_atom_id 
_struct_conn.pdbx_ptnr3_label_seq_id 
_struct_conn.pdbx_ptnr3_label_comp_id 
_struct_conn.pdbx_ptnr3_label_asym_id 
_struct_conn.pdbx_ptnr3_label_alt_id 
_struct_conn.pdbx_ptnr3_PDB_ins_code 
_struct_conn.details 
_struct_conn.pdbx_dist_value 
_struct_conn.pdbx_value_order 
_struct_conn.pdbx_role 
covale1  covale both ? A 0DG 1 "O3'" ? ? ? 1_555 A XEC 2 P  ? ? A 0DG 1 A XEC 2 1_555 ? ? ? ? ? ? ?            1.640 ? ? 
covale2  covale one  ? A XEC 2 "O3'" ? ? ? 1_555 A 0DG 3 P  ? ? A XEC 2 A 0DG 3 1_555 ? ? ? ? ? ? ?            1.659 ? ? 
covale3  covale both ? A 0DG 3 "O3'" ? ? ? 1_555 A 0DT 4 P  ? ? A 0DG 3 A 0DT 4 1_555 ? ? ? ? ? ? ?            1.630 ? ? 
covale4  covale both ? A 0DT 4 "O3'" ? ? ? 1_555 A 0DA 5 P  ? ? A 0DT 4 A 0DA 5 1_555 ? ? ? ? ? ? ?            1.632 ? ? 
covale5  covale both ? A 0DA 5 "O3'" ? ? ? 1_555 A 0DC 6 P  ? ? A 0DA 5 A 0DC 6 1_555 ? ? ? ? ? ? ?            1.638 ? ? 
covale6  covale both ? A 0DC 6 "O3'" ? ? ? 1_555 A 0DA 7 P  ? ? A 0DC 6 A 0DA 7 1_555 ? ? ? ? ? ? ?            1.591 ? ? 
covale7  covale both ? A 0DA 7 "O3'" ? ? ? 1_555 A 0DC 8 P  ? ? A 0DA 7 A 0DC 8 1_555 ? ? ? ? ? ? ?            1.632 ? ? 
covale8  covale both ? B 0DG 1 "O3'" ? ? ? 1_555 B XEC 2 P  ? ? B 0DG 1 B XEC 2 1_555 ? ? ? ? ? ? ?            1.609 ? ? 
covale9  covale one  ? B XEC 2 "O3'" ? ? ? 1_555 B 0DG 3 P  ? ? B XEC 2 B 0DG 3 1_555 ? ? ? ? ? ? ?            1.636 ? ? 
covale10 covale both ? B 0DG 3 "O3'" ? ? ? 1_555 B 0DT 4 P  ? ? B 0DG 3 B 0DT 4 1_555 ? ? ? ? ? ? ?            1.641 ? ? 
covale11 covale both ? B 0DT 4 "O3'" ? ? ? 1_555 B 0DA 5 P  ? ? B 0DT 4 B 0DA 5 1_555 ? ? ? ? ? ? ?            1.583 ? ? 
covale12 covale both ? B 0DA 5 "O3'" ? ? ? 1_555 B 0DC 6 P  ? ? B 0DA 5 B 0DC 6 1_555 ? ? ? ? ? ? ?            1.642 ? ? 
covale13 covale both ? B 0DC 6 "O3'" ? ? ? 1_555 B 0DA 7 P  ? ? B 0DC 6 B 0DA 7 1_555 ? ? ? ? ? ? ?            1.635 ? ? 
covale14 covale both ? B 0DA 7 "O3'" ? ? ? 1_555 B 0DC 8 P  ? ? B 0DA 7 B 0DC 8 1_555 ? ? ? ? ? ? ?            1.646 ? ? 
hydrog1  hydrog ?    ? A 0DG 1 N1    ? ? ? 1_555 B 0DC 8 N3 ? ? A 0DG 1 B 0DC 8 1_555 ? ? ? ? ? ? WATSON-CRICK ?     ? ? 
hydrog2  hydrog ?    ? A 0DG 1 N2    ? ? ? 1_555 B 0DC 8 O2 ? ? A 0DG 1 B 0DC 8 1_555 ? ? ? ? ? ? WATSON-CRICK ?     ? ? 
hydrog3  hydrog ?    ? A 0DG 1 O6    ? ? ? 1_555 B 0DC 8 N4 ? ? A 0DG 1 B 0DC 8 1_555 ? ? ? ? ? ? WATSON-CRICK ?     ? ? 
hydrog4  hydrog ?    ? A 0DG 3 N1    ? ? ? 1_555 B 0DC 6 N3 ? ? A 0DG 3 B 0DC 6 1_555 ? ? ? ? ? ? WATSON-CRICK ?     ? ? 
hydrog5  hydrog ?    ? A 0DG 3 N2    ? ? ? 1_555 B 0DC 6 O2 ? ? A 0DG 3 B 0DC 6 1_555 ? ? ? ? ? ? WATSON-CRICK ?     ? ? 
hydrog6  hydrog ?    ? A 0DG 3 O6    ? ? ? 1_555 B 0DC 6 N4 ? ? A 0DG 3 B 0DC 6 1_555 ? ? ? ? ? ? WATSON-CRICK ?     ? ? 
hydrog7  hydrog ?    ? A 0DC 6 N3    ? ? ? 1_555 B 0DG 3 N1 ? ? A 0DC 6 B 0DG 3 1_555 ? ? ? ? ? ? WATSON-CRICK ?     ? ? 
hydrog8  hydrog ?    ? A 0DC 6 N4    ? ? ? 1_555 B 0DG 3 O6 ? ? A 0DC 6 B 0DG 3 1_555 ? ? ? ? ? ? WATSON-CRICK ?     ? ? 
hydrog9  hydrog ?    ? A 0DC 6 O2    ? ? ? 1_555 B 0DG 3 N2 ? ? A 0DC 6 B 0DG 3 1_555 ? ? ? ? ? ? WATSON-CRICK ?     ? ? 
hydrog10 hydrog ?    ? A 0DC 8 N3    ? ? ? 1_555 B 0DG 1 N1 ? ? A 0DC 8 B 0DG 1 1_555 ? ? ? ? ? ? WATSON-CRICK ?     ? ? 
hydrog11 hydrog ?    ? A 0DC 8 N4    ? ? ? 1_555 B 0DG 1 O6 ? ? A 0DC 8 B 0DG 1 1_555 ? ? ? ? ? ? WATSON-CRICK ?     ? ? 
hydrog12 hydrog ?    ? A 0DC 8 O2    ? ? ? 1_555 B 0DG 1 N2 ? ? A 0DC 8 B 0DG 1 1_555 ? ? ? ? ? ? WATSON-CRICK ?     ? ? 
# 
loop_
_struct_conn_type.id 
_struct_conn_type.criteria 
_struct_conn_type.reference 
covale ? ? 
hydrog ? ? 
# 
_atom_sites.entry_id                    8F27 
_atom_sites.Cartn_transf_matrix[1][1]   ? 
_atom_sites.Cartn_transf_matrix[1][2]   ? 
_atom_sites.Cartn_transf_matrix[1][3]   ? 
_atom_sites.Cartn_transf_matrix[2][1]   ? 
_atom_sites.Cartn_transf_matrix[2][2]   ? 
_atom_sites.Cartn_transf_matrix[2][3]   ? 
_atom_sites.Cartn_transf_matrix[3][1]   ? 
_atom_sites.Cartn_transf_matrix[3][2]   ? 
_atom_sites.Cartn_transf_matrix[3][3]   ? 
_atom_sites.Cartn_transf_vector[1]      ? 
_atom_sites.Cartn_transf_vector[2]      ? 
_atom_sites.Cartn_transf_vector[3]      ? 
_atom_sites.fract_transf_matrix[1][1]   0.02493192 
_atom_sites.fract_transf_matrix[1][2]   0.00034575 
_atom_sites.fract_transf_matrix[1][3]   -0.00008155 
_atom_sites.fract_transf_matrix[2][1]   0.01224619 
_atom_sites.fract_transf_matrix[2][2]   0.01167896 
_atom_sites.fract_transf_matrix[2][3]   -0.01831222 
_atom_sites.fract_transf_matrix[3][1]   -0.00022956 
_atom_sites.fract_transf_matrix[3][2]   0.01944164 
_atom_sites.fract_transf_matrix[3][3]   0.01224575 
_atom_sites.fract_transf_vector[1]      0.437402 
_atom_sites.fract_transf_vector[2]      -0.023964 
_atom_sites.fract_transf_vector[3]      0.058832 
_atom_sites.solution_primary            ? 
_atom_sites.solution_secondary          ? 
_atom_sites.solution_hydrogens          ? 
_atom_sites.special_details             ? 
# 
loop_
_atom_type.symbol 
C 
N 
O 
P 
S 
# 
loop_
_atom_site.group_PDB 
_atom_site.id 
_atom_site.type_symbol 
_atom_site.label_atom_id 
_atom_site.label_alt_id 
_atom_site.label_comp_id 
_atom_site.label_asym_id 
_atom_site.label_entity_id 
_atom_site.label_seq_id 
_atom_site.pdbx_PDB_ins_code 
_atom_site.Cartn_x 
_atom_site.Cartn_y 
_atom_site.Cartn_z 
_atom_site.occupancy 
_atom_site.B_iso_or_equiv 
_atom_site.pdbx_formal_charge 
_atom_site.auth_seq_id 
_atom_site.auth_comp_id 
_atom_site.auth_asym_id 
_atom_site.auth_atom_id 
_atom_site.pdbx_PDB_model_num 
HETATM 1   O "O5'" . 0DG A 1 1 ? 1.942   -13.041 -2.551  1.00 35.08 ? 1   0DG A "O5'" 1 
HETATM 2   C "C5'" . 0DG A 1 1 ? 1.756   -14.180 -3.371  1.00 34.57 ? 1   0DG A "C5'" 1 
HETATM 3   C "C4'" . 0DG A 1 1 ? 1.902   -13.727 -4.777  1.00 30.81 ? 1   0DG A "C4'" 1 
HETATM 4   O "O4'" . 0DG A 1 1 ? 3.266   -13.448 -5.034  1.00 29.48 ? 1   0DG A "O4'" 1 
HETATM 5   C "C3'" . 0DG A 1 1 ? 1.178   -12.433 -5.101  1.00 30.42 ? 1   0DG A "C3'" 1 
HETATM 6   O "O3'" . 0DG A 1 1 ? -0.179  -12.739 -5.405  1.00 32.51 ? 1   0DG A "O3'" 1 
HETATM 7   C "C2'" . 0DG A 1 1 ? 1.912   -12.053 -6.397  1.00 28.43 ? 1   0DG A "C2'" 1 
HETATM 8   C "C1'" . 0DG A 1 1 ? 3.311   -12.384 -5.989  1.00 30.03 ? 1   0DG A "C1'" 1 
HETATM 9   N N9    . 0DG A 1 1 ? 4.026   -11.231 -5.220  1.00 29.99 ? 1   0DG A N9    1 
HETATM 10  C C8    . 0DG A 1 1 ? 4.272   -11.130 -3.906  1.00 29.09 ? 1   0DG A C8    1 
HETATM 11  N N7    . 0DG A 1 1 ? 4.906   -10.013 -3.644  1.00 28.84 ? 1   0DG A N7    1 
HETATM 12  C C5    . 0DG A 1 1 ? 5.087   -9.340  -4.848  1.00 28.47 ? 1   0DG A C5    1 
HETATM 13  C C6    . 0DG A 1 1 ? 5.686   -8.110  -5.199  1.00 27.26 ? 1   0DG A C6    1 
HETATM 14  O O6    . 0DG A 1 1 ? 6.219   -7.373  -4.368  1.00 26.31 ? 1   0DG A O6    1 
HETATM 15  N N1    . 0DG A 1 1 ? 5.636   -7.866  -6.554  1.00 28.56 ? 1   0DG A N1    1 
HETATM 16  C C2    . 0DG A 1 1 ? 5.090   -8.671  -7.506  1.00 26.81 ? 1   0DG A C2    1 
HETATM 17  N N2    . 0DG A 1 1 ? 5.113   -8.296  -8.789  1.00 28.36 ? 1   0DG A N2    1 
HETATM 18  N N3    . 0DG A 1 1 ? 4.512   -9.830  -7.112  1.00 29.07 ? 1   0DG A N3    1 
HETATM 19  C C4    . 0DG A 1 1 ? 4.534   -10.152 -5.812  1.00 29.33 ? 1   0DG A C4    1 
HETATM 20  N N1    . XEC A 1 2 ? 1.493   -7.678  -7.056  1.00 28.18 ? 2   XEC A N1    1 
HETATM 21  C C2    . XEC A 1 2 ? 2.288   -6.587  -7.056  1.00 29.84 ? 2   XEC A C2    1 
HETATM 22  N N3    . XEC A 1 2 ? 2.851   -6.136  -5.909  1.00 27.65 ? 2   XEC A N3    1 
HETATM 23  C C4    . XEC A 1 2 ? 2.674   -6.761  -4.695  1.00 29.35 ? 2   XEC A C4    1 
HETATM 24  C C5    . XEC A 1 2 ? 1.870   -7.939  -4.681  1.00 27.92 ? 2   XEC A C5    1 
HETATM 25  C C6    . XEC A 1 2 ? 1.294   -8.390  -5.849  1.00 27.49 ? 2   XEC A C6    1 
HETATM 26  O O2    . XEC A 1 2 ? 2.487   -5.980  -8.098  1.00 27.33 ? 2   XEC A O2    1 
HETATM 27  O O4    . XEC A 1 2 ? 3.254   -6.326  -3.690  1.00 31.07 ? 2   XEC A O4    1 
HETATM 28  C "C1'" . XEC A 1 2 ? 0.904   -8.147  -8.367  1.00 28.83 ? 2   XEC A "C1'" 1 
HETATM 29  C "C2'" . XEC A 1 2 ? -0.311  -7.394  -8.761  1.00 26.69 ? 2   XEC A "C2'" 1 
HETATM 30  O "O2'" . XEC A 1 2 ? -0.635  -7.482  -10.179 1.00 28.65 ? 2   XEC A "O2'" 1 
HETATM 31  C CM2   . XEC A 1 2 ? 0.175   -6.634  -11.050 1.00 29.61 ? 2   XEC A CM2   1 
HETATM 32  C "C3'" . XEC A 1 2 ? -1.324  -8.197  -7.956  1.00 30.94 ? 2   XEC A "C3'" 1 
HETATM 33  C "C4'" . XEC A 1 2 ? -0.922  -9.585  -8.393  1.00 28.16 ? 2   XEC A "C4'" 1 
HETATM 34  O "O3'" . XEC A 1 2 ? -2.620  -7.902  -8.418  1.00 34.40 ? 2   XEC A "O3'" 1 
HETATM 35  O "O4'" . XEC A 1 2 ? 0.531   -9.534  -8.199  1.00 28.91 ? 2   XEC A "O4'" 1 
HETATM 36  C "C5'" . XEC A 1 2 ? -1.514  -10.725 -7.587  1.00 28.67 ? 2   XEC A "C5'" 1 
HETATM 37  O "O5'" . XEC A 1 2 ? -1.110  -10.498 -6.249  1.00 30.01 ? 2   XEC A "O5'" 1 
HETATM 38  P P     . XEC A 1 2 ? -1.378  -11.657 -5.123  1.00 34.08 ? 2   XEC A P     1 
HETATM 39  O OP1   . XEC A 1 2 ? -1.159  -11.047 -3.798  1.00 33.28 ? 2   XEC A OP1   1 
HETATM 40  O OP2   . XEC A 1 2 ? -2.660  -12.330 -5.416  1.00 34.27 ? 2   XEC A OP2   1 
HETATM 41  P P     . 0DG A 1 3 ? -3.553  -6.821  -7.573  1.00 35.09 ? 3   0DG A P     1 
HETATM 42  O OP1   . 0DG A 1 3 ? -3.357  -7.070  -6.071  1.00 31.72 ? 3   0DG A OP1   1 
HETATM 43  O OP2   . 0DG A 1 3 ? -4.882  -6.982  -8.111  1.00 37.25 ? 3   0DG A OP2   1 
HETATM 44  O "O5'" . 0DG A 1 3 ? -2.923  -5.371  -7.861  1.00 31.93 ? 3   0DG A "O5'" 1 
HETATM 45  C "C5'" . 0DG A 1 3 ? -3.115  -4.820  -9.128  1.00 30.39 ? 3   0DG A "C5'" 1 
HETATM 46  C "C4'" . 0DG A 1 3 ? -2.133  -3.689  -9.324  1.00 27.91 ? 3   0DG A "C4'" 1 
HETATM 47  O "O4'" . 0DG A 1 3 ? -0.827  -4.095  -8.953  1.00 26.37 ? 3   0DG A "O4'" 1 
HETATM 48  C "C3'" . 0DG A 1 3 ? -2.358  -2.449  -8.506  1.00 27.49 ? 3   0DG A "C3'" 1 
HETATM 49  O "O3'" . 0DG A 1 3 ? -3.452  -1.715  -9.173  1.00 27.51 ? 3   0DG A "O3'" 1 
HETATM 50  C "C2'" . 0DG A 1 3 ? -1.001  -1.760  -8.705  1.00 26.28 ? 3   0DG A "C2'" 1 
HETATM 51  C "C1'" . 0DG A 1 3 ? -0.099  -2.970  -8.515  1.00 24.77 ? 3   0DG A "C1'" 1 
HETATM 52  N N9    . 0DG A 1 3 ? 0.275   -3.188  -7.115  1.00 26.16 ? 3   0DG A N9    1 
HETATM 53  C C8    . 0DG A 1 3 ? -0.036  -4.153  -6.197  1.00 25.33 ? 3   0DG A C8    1 
HETATM 54  N N7    . 0DG A 1 3 ? 0.550   -3.926  -5.051  1.00 25.52 ? 3   0DG A N7    1 
HETATM 55  C C5    . 0DG A 1 3 ? 1.326   -2.790  -5.204  1.00 26.15 ? 3   0DG A C5    1 
HETATM 56  C C6    . 0DG A 1 3 ? 2.159   -2.107  -4.321  1.00 28.01 ? 3   0DG A C6    1 
HETATM 57  O O6    . 0DG A 1 3 ? 2.395   -2.466  -3.189  1.00 27.20 ? 3   0DG A O6    1 
HETATM 58  N N1    . 0DG A 1 3 ? 2.772   -1.010  -4.880  1.00 26.19 ? 3   0DG A N1    1 
HETATM 59  C C2    . 0DG A 1 3 ? 2.578   -0.572  -6.202  1.00 25.79 ? 3   0DG A C2    1 
HETATM 60  N N2    . 0DG A 1 3 ? 3.232   0.522   -6.596  1.00 25.49 ? 3   0DG A N2    1 
HETATM 61  N N3    . 0DG A 1 3 ? 1.747   -1.266  -7.026  1.00 24.59 ? 3   0DG A N3    1 
HETATM 62  C C4    . 0DG A 1 3 ? 1.136   -2.349  -6.478  1.00 25.25 ? 3   0DG A C4    1 
HETATM 63  P P     . 0DT A 1 4 ? -4.323  -0.606  -8.355  1.00 28.45 ? 4   0DT A P     1 
HETATM 64  O OP1   . 0DT A 1 4 ? -4.691  -1.194  -7.067  1.00 27.34 ? 4   0DT A OP1   1 
HETATM 65  O OP2   . 0DT A 1 4 ? -5.398  -0.189  -9.310  1.00 29.37 ? 4   0DT A OP2   1 
HETATM 66  O "O5'" . 0DT A 1 4 ? -3.250  0.595   -8.178  1.00 26.63 ? 4   0DT A "O5'" 1 
HETATM 67  C "C5'" . 0DT A 1 4 ? -2.808  1.462   -9.263  1.00 28.13 ? 4   0DT A "C5'" 1 
HETATM 68  C "C4'" . 0DT A 1 4 ? -1.888  2.484   -8.722  1.00 24.14 ? 4   0DT A "C4'" 1 
HETATM 69  O "O4'" . 0DT A 1 4 ? -0.698  1.875   -8.190  1.00 25.95 ? 4   0DT A "O4'" 1 
HETATM 70  C "C3'" . 0DT A 1 4 ? -2.425  3.250   -7.471  1.00 26.61 ? 4   0DT A "C3'" 1 
HETATM 71  O "O3'" . 0DT A 1 4 ? -3.403  4.200   -7.910  1.00 29.81 ? 4   0DT A "O3'" 1 
HETATM 72  C "C2'" . 0DT A 1 4 ? -1.174  3.884   -7.024  1.00 25.28 ? 4   0DT A "C2'" 1 
HETATM 73  C "C1'" . 0DT A 1 4 ? -0.275  2.719   -7.147  1.00 24.36 ? 4   0DT A "C1'" 1 
HETATM 74  N N1    . 0DT A 1 4 ? -0.234  1.914   -5.906  1.00 25.65 ? 4   0DT A N1    1 
HETATM 75  C C2    . 0DT A 1 4 ? 0.614   2.289   -4.902  1.00 25.77 ? 4   0DT A C2    1 
HETATM 76  O O2    . 0DT A 1 4 ? 1.309   3.320   -4.940  1.00 26.43 ? 4   0DT A O2    1 
HETATM 77  N N3    . 0DT A 1 4 ? 0.643   1.514   -3.746  1.00 26.29 ? 4   0DT A N3    1 
HETATM 78  C C4    . 0DT A 1 4 ? -0.187  0.392   -3.580  1.00 26.10 ? 4   0DT A C4    1 
HETATM 79  O O4    . 0DT A 1 4 ? -0.077  -0.251  -2.532  1.00 27.66 ? 4   0DT A O4    1 
HETATM 80  C C5    . 0DT A 1 4 ? -1.015  0.044   -4.647  1.00 25.05 ? 4   0DT A C5    1 
HETATM 81  C C5M   . 0DT A 1 4 ? -1.883  -1.136  -4.542  1.00 25.52 ? 4   0DT A C5M   1 
HETATM 82  C C6    . 0DT A 1 4 ? -1.062  0.795   -5.766  1.00 24.65 ? 4   0DT A C6    1 
HETATM 83  C C8A   . 0DA A 1 5 ? -1.979  4.140   -3.297  1.00 24.83 ? 5   0DA A C8A   1 
HETATM 84  N N9A   . 0DA A 1 5 ? -1.198  5.153   -2.865  1.00 25.94 ? 5   0DA A N9A   1 
HETATM 85  C C4A   . 0DA A 1 5 ? -0.613  4.773   -1.712  1.00 24.19 ? 5   0DA A C4A   1 
HETATM 86  C C5A   . 0DA A 1 5 ? -1.076  3.521   -1.404  1.00 24.83 ? 5   0DA A C5A   1 
HETATM 87  N N7A   . 0DA A 1 5 ? -1.898  3.121   -2.409  1.00 26.65 ? 5   0DA A N7A   1 
HETATM 88  N N3A   . 0DA A 1 5 ? 0.279   5.439   -0.935  1.00 26.19 ? 5   0DA A N3A   1 
HETATM 89  C C2A   . 0DA A 1 5 ? 0.643   4.786   0.229   1.00 24.39 ? 5   0DA A C2A   1 
HETATM 90  N N1A   . 0DA A 1 5 ? 0.214   3.516   0.524   1.00 24.85 ? 5   0DA A N1A   1 
HETATM 91  C C6A   . 0DA A 1 5 ? -0.657  2.883   -0.274  1.00 23.37 ? 5   0DA A C6A   1 
HETATM 92  N N6A   . 0DA A 1 5 ? -1.091  1.669   0.035   1.00 25.72 ? 5   0DA A N6A   1 
HETATM 93  C "C4'" . 0DA A 1 5 ? -2.288  7.344   -5.095  1.00 26.75 ? 5   0DA A "C4'" 1 
HETATM 94  O "O4'" . 0DA A 1 5 ? -1.276  6.398   -4.868  1.00 27.16 ? 5   0DA A "O4'" 1 
HETATM 95  C "C3'" . 0DA A 1 5 ? -2.918  7.540   -3.687  1.00 28.69 ? 5   0DA A "C3'" 1 
HETATM 96  C "C2'" . 0DA A 1 5 ? -1.647  7.633   -2.885  1.00 28.36 ? 5   0DA A "C2'" 1 
HETATM 97  C "C1'" . 0DA A 1 5 ? -0.868  6.492   -3.479  1.00 28.00 ? 5   0DA A "C1'" 1 
HETATM 98  O "O3'" . 0DA A 1 5 ? -3.644  8.816   -3.672  1.00 32.43 ? 5   0DA A "O3'" 1 
HETATM 99  C "C5'" . 0DA A 1 5 ? -3.340  6.987   -6.163  1.00 31.18 ? 5   0DA A "C5'" 1 
HETATM 100 O "O5'" . 0DA A 1 5 ? -3.787  5.666   -5.829  1.00 28.77 ? 5   0DA A "O5'" 1 
HETATM 101 P P     . 0DA A 1 5 ? -4.584  4.718   -6.909  1.00 30.79 ? 5   0DA A P     1 
HETATM 102 O OP2   . 0DA A 1 5 ? -5.545  5.463   -7.725  1.00 33.24 ? 5   0DA A OP2   1 
HETATM 103 O OP1   . 0DA A 1 5 ? -5.080  3.564   -6.073  1.00 31.09 ? 5   0DA A OP1   1 
HETATM 104 P P     . 0DC A 1 6 ? -4.913  9.049   -2.663  1.00 33.53 ? 6   0DC A P     1 
HETATM 105 O OP1   . 0DC A 1 6 ? -5.773  7.792   -2.667  1.00 33.20 ? 6   0DC A OP1   1 
HETATM 106 O OP2   . 0DC A 1 6 ? -5.528  10.374  -3.049  1.00 37.04 ? 6   0DC A OP2   1 
HETATM 107 O "O5'" . 0DC A 1 6 ? -4.171  9.135   -1.270  1.00 32.56 ? 6   0DC A "O5'" 1 
HETATM 108 C "C5'" . 0DC A 1 6 ? -3.370  10.284  -0.945  1.00 34.58 ? 6   0DC A "C5'" 1 
HETATM 109 C "C4'" . 0DC A 1 6 ? -2.600  9.908   0.297   1.00 32.28 ? 6   0DC A "C4'" 1 
HETATM 110 O "O4'" . 0DC A 1 6 ? -1.756  8.743   0.168   1.00 30.94 ? 6   0DC A "O4'" 1 
HETATM 111 C "C3'" . 0DC A 1 6 ? -3.466  9.572   1.528   1.00 32.51 ? 6   0DC A "C3'" 1 
HETATM 112 O "O3'" . 0DC A 1 6 ? -4.022  10.855  2.069   1.00 37.22 ? 6   0DC A "O3'" 1 
HETATM 113 C "C2'" . 0DC A 1 6 ? -2.382  9.017   2.424   1.00 29.37 ? 6   0DC A "C2'" 1 
HETATM 114 C "C1'" . 0DC A 1 6 ? -1.733  8.070   1.429   1.00 32.10 ? 6   0DC A "C1'" 1 
HETATM 115 N N1    . 0DC A 1 6 ? -2.405  6.791   1.249   1.00 27.17 ? 6   0DC A N1    1 
HETATM 116 C C2    . 0DC A 1 6 ? -2.063  5.818   2.160   1.00 28.78 ? 6   0DC A C2    1 
HETATM 117 O O2    . 0DC A 1 6 ? -1.266  6.022   3.033   1.00 28.17 ? 6   0DC A O2    1 
HETATM 118 N N3    . 0DC A 1 6 ? -2.664  4.596   2.016   1.00 26.20 ? 6   0DC A N3    1 
HETATM 119 C C4    . 0DC A 1 6 ? -3.535  4.252   1.056   1.00 24.35 ? 6   0DC A C4    1 
HETATM 120 N N4    . 0DC A 1 6 ? -4.059  3.030   1.054   1.00 25.13 ? 6   0DC A N4    1 
HETATM 121 C C5    . 0DC A 1 6 ? -3.905  5.239   0.135   1.00 22.92 ? 6   0DC A C5    1 
HETATM 122 C C6    . 0DC A 1 6 ? -3.314  6.468   0.264   1.00 25.70 ? 6   0DC A C6    1 
HETATM 123 C C8A   . 0DA A 1 7 ? -5.063  6.572   4.360   1.00 25.87 ? 7   0DA A C8A   1 
HETATM 124 N N9A   . 0DA A 1 7 ? -4.517  6.311   5.564   1.00 27.87 ? 7   0DA A N9A   1 
HETATM 125 C C4A   . 0DA A 1 7 ? -4.656  4.992   5.799   1.00 25.15 ? 7   0DA A C4A   1 
HETATM 126 C C5A   . 0DA A 1 7 ? -5.255  4.442   4.723   1.00 24.46 ? 7   0DA A C5A   1 
HETATM 127 N N7A   . 0DA A 1 7 ? -5.527  5.432   3.804   1.00 24.43 ? 7   0DA A N7A   1 
HETATM 128 N N3A   . 0DA A 1 7 ? -4.261  4.320   6.911   1.00 26.61 ? 7   0DA A N3A   1 
HETATM 129 C C2A   . 0DA A 1 7 ? -4.522  2.950   6.896   1.00 27.51 ? 7   0DA A C2A   1 
HETATM 130 N N1A   . 0DA A 1 7 ? -5.115  2.387   5.815   1.00 27.91 ? 7   0DA A N1A   1 
HETATM 131 C C6A   . 0DA A 1 7 ? -5.508  3.089   4.734   1.00 25.28 ? 7   0DA A C6A   1 
HETATM 132 N N6A   . 0DA A 1 7 ? -6.084  2.559   3.689   1.00 27.09 ? 7   0DA A N6A   1 
HETATM 133 C "C4'" . 0DA A 1 7 ? -3.947  9.486   6.313   1.00 31.21 ? 7   0DA A "C4'" 1 
HETATM 134 O "O4'" . 0DA A 1 7 ? -3.371  8.309   5.854   1.00 27.76 ? 7   0DA A "O4'" 1 
HETATM 135 C "C3'" . 0DA A 1 7 ? -5.306  9.019   6.885   1.00 28.91 ? 7   0DA A "C3'" 1 
HETATM 136 C "C2'" . 0DA A 1 7 ? -4.835  7.784   7.634   1.00 27.92 ? 7   0DA A "C2'" 1 
HETATM 137 C "C1'" . 0DA A 1 7 ? -3.869  7.175   6.598   1.00 28.77 ? 7   0DA A "C1'" 1 
HETATM 138 O "O3'" . 0DA A 1 7 ? -5.797  10.029  7.838   1.00 31.68 ? 7   0DA A "O3'" 1 
HETATM 139 C "C5'" . 0DA A 1 7 ? -4.039  10.506  5.189   1.00 29.99 ? 7   0DA A "C5'" 1 
HETATM 140 O "O5'" . 0DA A 1 7 ? -4.998  10.035  4.243   1.00 29.14 ? 7   0DA A "O5'" 1 
HETATM 141 P P     . 0DA A 1 7 ? -5.360  10.874  2.931   1.00 35.05 ? 7   0DA A P     1 
HETATM 142 O OP2   . 0DA A 1 7 ? -5.613  12.296  3.336   1.00 36.83 ? 7   0DA A OP2   1 
HETATM 143 O OP1   . 0DA A 1 7 ? -6.441  10.125  2.217   1.00 33.95 ? 7   0DA A OP1   1 
HETATM 144 P P     . 0DC A 1 8 ? -7.375  10.436  7.927   1.00 29.24 ? 8   0DC A P     1 
HETATM 145 O OP1   . 0DC A 1 8 ? -8.002  10.190  6.622   1.00 30.89 ? 8   0DC A OP1   1 
HETATM 146 O OP2   . 0DC A 1 8 ? -7.447  11.811  8.544   1.00 33.50 ? 8   0DC A OP2   1 
HETATM 147 O "O5'" . 0DC A 1 8 ? -7.985  9.369   8.953   1.00 28.56 ? 8   0DC A "O5'" 1 
HETATM 148 C "C5'" . 0DC A 1 8 ? -7.561  9.455   10.321  1.00 26.48 ? 8   0DC A "C5'" 1 
HETATM 149 C "C4'" . 0DC A 1 8 ? -7.977  8.100   10.946  1.00 26.18 ? 8   0DC A "C4'" 1 
HETATM 150 O "O4'" . 0DC A 1 8 ? -7.241  7.075   10.291  1.00 25.79 ? 8   0DC A "O4'" 1 
HETATM 151 C "C3'" . 0DC A 1 8 ? -9.389  7.624   10.653  1.00 28.05 ? 8   0DC A "C3'" 1 
HETATM 152 O "O3'" . 0DC A 1 8 ? -10.289 8.349   11.554  1.00 31.67 ? 8   0DC A "O3'" 1 
HETATM 153 C "C2'" . 0DC A 1 8 ? -9.322  6.102   10.846  1.00 26.89 ? 8   0DC A "C2'" 1 
HETATM 154 C "C1'" . 0DC A 1 8 ? -7.962  5.814   10.305  1.00 27.51 ? 8   0DC A "C1'" 1 
HETATM 155 N N1    . 0DC A 1 8 ? -8.098  5.333   8.907   1.00 26.45 ? 8   0DC A N1    1 
HETATM 156 C C2    . 0DC A 1 8 ? -8.099  4.019   8.655   1.00 26.84 ? 8   0DC A C2    1 
HETATM 157 O O2    . 0DC A 1 8 ? -7.922  3.225   9.584   1.00 29.02 ? 8   0DC A O2    1 
HETATM 158 N N3    . 0DC A 1 8 ? -8.261  3.545   7.358   1.00 25.44 ? 8   0DC A N3    1 
HETATM 159 C C4    . 0DC A 1 8 ? -8.451  4.358   6.280   1.00 23.98 ? 8   0DC A C4    1 
HETATM 160 N N4    . 0DC A 1 8 ? -8.625  3.894   5.031   1.00 24.38 ? 8   0DC A N4    1 
HETATM 161 C C5    . 0DC A 1 8 ? -8.444  5.744   6.553   1.00 24.90 ? 8   0DC A C5    1 
HETATM 162 C C6    . 0DC A 1 8 ? -8.294  6.164   7.834   1.00 25.32 ? 8   0DC A C6    1 
HETATM 163 O "O5'" . 0DG B 1 1 ? -10.338 -6.399  4.566   1.00 33.78 ? 1   0DG B "O5'" 1 
HETATM 164 C "C5'" . 0DG B 1 1 ? -10.609 -7.224  5.709   1.00 29.86 ? 1   0DG B "C5'" 1 
HETATM 165 C "C4'" . 0DG B 1 1 ? -10.181 -6.418  6.937   1.00 27.36 ? 1   0DG B "C4'" 1 
HETATM 166 O "O4'" . 0DG B 1 1 ? -10.936 -5.211  7.039   1.00 26.71 ? 1   0DG B "O4'" 1 
HETATM 167 C "C3'" . 0DG B 1 1 ? -8.720  -5.954  6.986   1.00 23.91 ? 1   0DG B "C3'" 1 
HETATM 168 O "O3'" . 0DG B 1 1 ? -7.861  -7.054  7.436   1.00 25.86 ? 1   0DG B "O3'" 1 
HETATM 169 C "C2'" . 0DG B 1 1 ? -8.824  -4.917  8.108   1.00 24.79 ? 1   0DG B "C2'" 1 
HETATM 170 C "C1'" . 0DG B 1 1 ? -10.069 -4.194  7.621   1.00 25.34 ? 1   0DG B "C1'" 1 
HETATM 171 N N9    . 0DG B 1 1 ? -9.823  -3.114  6.579   1.00 25.26 ? 1   0DG B N9    1 
HETATM 172 C C8    . 0DG B 1 1 ? -9.873  -3.163  5.206   1.00 25.93 ? 1   0DG B C8    1 
HETATM 173 N N7    . 0DG B 1 1 ? -9.586  -1.954  4.756   1.00 26.12 ? 1   0DG B N7    1 
HETATM 174 C C5    . 0DG B 1 1 ? -9.329  -1.134  5.799   1.00 23.52 ? 1   0DG B C5    1 
HETATM 175 C C6    . 0DG B 1 1 ? -8.926  0.204   5.907   1.00 25.22 ? 1   0DG B C6    1 
HETATM 176 O O6    . 0DG B 1 1 ? -8.846  0.930   4.877   1.00 24.94 ? 1   0DG B O6    1 
HETATM 177 N N1    . 0DG B 1 1 ? -8.764  0.636   7.193   1.00 25.31 ? 1   0DG B N1    1 
HETATM 178 C C2    . 0DG B 1 1 ? -8.938  -0.078  8.347   1.00 24.63 ? 1   0DG B C2    1 
HETATM 179 N N2    . 0DG B 1 1 ? -8.746  0.568   9.509   1.00 25.49 ? 1   0DG B N2    1 
HETATM 180 N N3    . 0DG B 1 1 ? -9.283  -1.373  8.197   1.00 22.92 ? 1   0DG B N3    1 
HETATM 181 C C4    . 0DG B 1 1 ? -9.460  -1.859  6.948   1.00 22.37 ? 1   0DG B C4    1 
HETATM 182 N N1    . XEC B 1 2 ? -5.615  -2.013  7.835   1.00 25.73 ? 2   XEC B N1    1 
HETATM 183 C C2    . XEC B 1 2 ? -5.462  -0.682  7.551   1.00 25.88 ? 2   XEC B C2    1 
HETATM 184 N N3    . XEC B 1 2 ? -5.628  -0.219  6.286   1.00 25.94 ? 2   XEC B N3    1 
HETATM 185 C C4    . XEC B 1 2 ? -5.940  -1.091  5.282   1.00 27.26 ? 2   XEC B C4    1 
HETATM 186 C C5    . XEC B 1 2 ? -6.115  -2.470  5.547   1.00 26.36 ? 2   XEC B C5    1 
HETATM 187 C C6    . XEC B 1 2 ? -5.963  -2.879  6.847   1.00 24.69 ? 2   XEC B C6    1 
HETATM 188 O O2    . XEC B 1 2 ? -5.160  0.035   8.498   1.00 26.23 ? 2   XEC B O2    1 
HETATM 189 O O4    . XEC B 1 2 ? -6.089  -0.702  4.139   1.00 27.26 ? 2   XEC B O4    1 
HETATM 190 C "C1'" . XEC B 1 2 ? -5.460  -2.432  9.252   1.00 28.40 ? 2   XEC B "C1'" 1 
HETATM 191 C "C2'" . XEC B 1 2 ? -4.008  -2.578  9.654   1.00 26.96 ? 2   XEC B "C2'" 1 
HETATM 192 O "O2'" . XEC B 1 2 ? -3.845  -2.476  11.068  1.00 28.46 ? 2   XEC B "O2'" 1 
HETATM 193 C CM2   . XEC B 1 2 ? -3.944  -1.083  11.568  1.00 30.06 ? 2   XEC B CM2   1 
HETATM 194 C "C3'" . XEC B 1 2 ? -3.860  -4.036  9.220   1.00 26.52 ? 2   XEC B "C3'" 1 
HETATM 195 C "C4'" . XEC B 1 2 ? -5.145  -4.655  9.780   1.00 25.79 ? 2   XEC B "C4'" 1 
HETATM 196 O "O3'" . XEC B 1 2 ? -2.718  -4.692  9.814   1.00 27.65 ? 2   XEC B "O3'" 1 
HETATM 197 O "O4'" . XEC B 1 2 ? -6.130  -3.661  9.433   1.00 27.63 ? 2   XEC B "O4'" 1 
HETATM 198 C "C5'" . XEC B 1 2 ? -5.438  -6.017  9.216   1.00 25.97 ? 2   XEC B "C5'" 1 
HETATM 199 O "O5'" . XEC B 1 2 ? -5.574  -5.921  7.817   1.00 24.76 ? 2   XEC B "O5'" 1 
HETATM 200 P P     . XEC B 1 2 ? -6.320  -7.137  6.978   1.00 26.03 ? 2   XEC B P     1 
HETATM 201 O OP1   . XEC B 1 2 ? -6.220  -6.813  5.534   1.00 27.44 ? 2   XEC B OP1   1 
HETATM 202 O OP2   . XEC B 1 2 ? -5.775  -8.466  7.538   1.00 26.29 ? 2   XEC B OP2   1 
HETATM 203 P P     . 0DG B 1 3 ? -1.334  -4.828  8.952   1.00 30.08 ? 3   0DG B P     1 
HETATM 204 O OP1   . 0DG B 1 3 ? -1.731  -5.239  7.610   1.00 28.79 ? 3   0DG B OP1   1 
HETATM 205 O OP2   . 0DG B 1 3 ? -0.451  -5.700  9.758   1.00 30.32 ? 3   0DG B OP2   1 
HETATM 206 O "O5'" . 0DG B 1 3 ? -0.846  -3.372  8.999   1.00 28.01 ? 3   0DG B "O5'" 1 
HETATM 207 C "C5'" . 0DG B 1 3 ? -0.300  -2.711  10.198  1.00 29.03 ? 3   0DG B "C5'" 1 
HETATM 208 C "C4'" . 0DG B 1 3 ? -0.149  -1.243  9.876   1.00 29.36 ? 3   0DG B "C4'" 1 
HETATM 209 O "O4'" . 0DG B 1 3 ? -1.347  -0.586  9.372   1.00 29.76 ? 3   0DG B "O4'" 1 
HETATM 210 C "C3'" . 0DG B 1 3 ? 0.899   -0.953  8.818   1.00 29.19 ? 3   0DG B "C3'" 1 
HETATM 211 O "O3'" . 0DG B 1 3 ? 2.275   -1.081  9.418   1.00 33.83 ? 3   0DG B "O3'" 1 
HETATM 212 C "C2'" . 0DG B 1 3 ? 0.579   0.532   8.570   1.00 29.54 ? 3   0DG B "C2'" 1 
HETATM 213 C "C1'" . 0DG B 1 3 ? -0.923  0.439   8.520   1.00 29.73 ? 3   0DG B "C1'" 1 
HETATM 214 N N9    . 0DG B 1 3 ? -1.533  0.166   7.186   1.00 25.59 ? 3   0DG B N9    1 
HETATM 215 C C8    . 0DG B 1 3 ? -2.057  -0.973  6.652   1.00 25.62 ? 3   0DG B C8    1 
HETATM 216 N N7    . 0DG B 1 3 ? -2.487  -0.710  5.438   1.00 26.85 ? 3   0DG B N7    1 
HETATM 217 C C5    . 0DG B 1 3 ? -2.216  0.634   5.186   1.00 23.67 ? 3   0DG B C5    1 
HETATM 218 C C6    . 0DG B 1 3 ? -2.458  1.421   4.093   1.00 25.72 ? 3   0DG B C6    1 
HETATM 219 O O6    . 0DG B 1 3 ? -3.033  1.051   3.042   1.00 25.13 ? 3   0DG B O6    1 
HETATM 220 N N1    . 0DG B 1 3 ? -2.025  2.745   4.224   1.00 26.72 ? 3   0DG B N1    1 
HETATM 221 C C2    . 0DG B 1 3 ? -1.392  3.238   5.346   1.00 26.67 ? 3   0DG B C2    1 
HETATM 222 N N2    . 0DG B 1 3 ? -1.010  4.507   5.401   1.00 28.59 ? 3   0DG B N2    1 
HETATM 223 N N3    . 0DG B 1 3 ? -1.158  2.425   6.398   1.00 27.64 ? 3   0DG B N3    1 
HETATM 224 C C4    . 0DG B 1 3 ? -1.593  1.145   6.275   1.00 26.07 ? 3   0DG B C4    1 
HETATM 225 P P     . 0DT B 1 4 ? 3.612   -1.224  8.477   1.00 30.89 ? 4   0DT B P     1 
HETATM 226 O OP1   . 0DT B 1 4 ? 3.321   -2.204  7.379   1.00 31.79 ? 4   0DT B OP1   1 
HETATM 227 O OP2   . 0DT B 1 4 ? 4.761   -1.526  9.402   1.00 36.00 ? 4   0DT B OP2   1 
HETATM 228 O "O5'" . 0DT B 1 4 ? 3.789   0.258   7.927   1.00 27.79 ? 4   0DT B "O5'" 1 
HETATM 229 C "C5'" . 0DT B 1 4 ? 4.007   1.406   8.760   1.00 31.69 ? 4   0DT B "C5'" 1 
HETATM 230 C "C4'" . 0DT B 1 4 ? 4.087   2.588   7.823   1.00 32.95 ? 4   0DT B "C4'" 1 
HETATM 231 O "O4'" . 0DT B 1 4 ? 2.814   2.760   7.159   1.00 33.32 ? 4   0DT B "O4'" 1 
HETATM 232 C "C3'" . 0DT B 1 4 ? 5.159   2.372   6.769   1.00 35.98 ? 4   0DT B "C3'" 1 
HETATM 233 O "O3'" . 0DT B 1 4 ? 6.396   3.016   7.254   1.00 35.10 ? 4   0DT B "O3'" 1 
HETATM 234 C "C2'" . 0DT B 1 4 ? 4.633   3.167   5.622   1.00 34.32 ? 4   0DT B "C2'" 1 
HETATM 235 C "C1'" . 0DT B 1 4 ? 3.181   3.273   5.893   1.00 33.80 ? 4   0DT B "C1'" 1 
HETATM 236 N N1    . 0DT B 1 4 ? 2.433   2.421   4.910   1.00 29.13 ? 4   0DT B N1    1 
HETATM 237 C C2    . 0DT B 1 4 ? 1.952   3.020   3.779   1.00 29.88 ? 4   0DT B C2    1 
HETATM 238 O O2    . 0DT B 1 4 ? 2.167   4.186   3.477   1.00 28.04 ? 4   0DT B O2    1 
HETATM 239 N N3    . 0DT B 1 4 ? 1.185   2.280   2.937   1.00 26.52 ? 4   0DT B N3    1 
HETATM 240 C C4    . 0DT B 1 4 ? 0.913   0.959   3.186   1.00 25.03 ? 4   0DT B C4    1 
HETATM 241 O O4    . 0DT B 1 4 ? 0.194   0.331   2.374   1.00 26.77 ? 4   0DT B O4    1 
HETATM 242 C C5    . 0DT B 1 4 ? 1.424   0.340   4.333   1.00 25.52 ? 4   0DT B C5    1 
HETATM 243 C C5M   . 0DT B 1 4 ? 1.149   -1.072  4.640   1.00 25.76 ? 4   0DT B C5M   1 
HETATM 244 C C6    . 0DT B 1 4 ? 2.162   1.068   5.187   1.00 28.02 ? 4   0DT B C6    1 
HETATM 245 C C8A   . 0DA B 1 5 ? 4.834   2.020   2.111   1.00 26.81 ? 5   0DA B C8A   1 
HETATM 246 N N9A   . 0DA B 1 5 ? 4.915   3.135   1.389   1.00 25.73 ? 5   0DA B N9A   1 
HETATM 247 C C4A   . 0DA B 1 5 ? 4.097   2.967   0.312   1.00 24.69 ? 5   0DA B C4A   1 
HETATM 248 C C5A   . 0DA B 1 5 ? 3.533   1.760   0.390   1.00 23.67 ? 5   0DA B C5A   1 
HETATM 249 N N7A   . 0DA B 1 5 ? 4.023   1.145   1.495   1.00 26.09 ? 5   0DA B N7A   1 
HETATM 250 N N3A   . 0DA B 1 5 ? 3.853   3.850   -0.678  1.00 24.38 ? 5   0DA B N3A   1 
HETATM 251 C C2A   . 0DA B 1 5 ? 2.961   3.402   -1.655  1.00 25.35 ? 5   0DA B C2A   1 
HETATM 252 N N1A   . 0DA B 1 5 ? 2.405   2.128   -1.593  1.00 24.67 ? 5   0DA B N1A   1 
HETATM 253 C C6A   . 0DA B 1 5 ? 2.693   1.318   -0.598  1.00 23.83 ? 5   0DA B C6A   1 
HETATM 254 N N6A   . 0DA B 1 5 ? 2.094   0.120   -0.544  1.00 24.75 ? 5   0DA B N6A   1 
HETATM 255 C "C4'" . 0DA B 1 5 ? 7.532   4.243   3.055   1.00 32.06 ? 5   0DA B "C4'" 1 
HETATM 256 O "O4'" . 0DA B 1 5 ? 6.069   4.288   3.070   1.00 31.35 ? 5   0DA B "O4'" 1 
HETATM 257 C "C3'" . 0DA B 1 5 ? 7.857   3.797   1.636   1.00 32.00 ? 5   0DA B "C3'" 1 
HETATM 258 C "C2'" . 0DA B 1 5 ? 6.863   4.637   0.841   1.00 29.47 ? 5   0DA B "C2'" 1 
HETATM 259 C "C1'" . 0DA B 1 5 ? 5.650   4.420   1.690   1.00 28.60 ? 5   0DA B "C1'" 1 
HETATM 260 O "O3'" . 0DA B 1 5 ? 9.248   4.250   1.405   1.00 37.36 ? 5   0DA B "O3'" 1 
HETATM 261 C "C5'" . 0DA B 1 5 ? 8.167   3.274   4.026   1.00 34.96 ? 5   0DA B "C5'" 1 
HETATM 262 O "O5'" . 0DA B 1 5 ? 7.703   3.733   5.260   1.00 38.69 ? 5   0DA B "O5'" 1 
HETATM 263 P P     . 0DA B 1 5 ? 7.798   2.808   6.548   1.00 40.18 ? 5   0DA B P     1 
HETATM 264 O OP2   . 0DA B 1 5 ? 8.841   3.463   7.423   1.00 37.19 ? 5   0DA B OP2   1 
HETATM 265 O OP1   . 0DA B 1 5 ? 7.849   1.377   6.160   1.00 40.64 ? 5   0DA B OP1   1 
HETATM 266 P P     . 0DC B 1 6 ? 10.232  3.368   0.428   1.00 37.29 ? 6   0DC B P     1 
HETATM 267 O OP1   . 0DC B 1 6 ? 10.031  1.963   0.785   1.00 38.05 ? 6   0DC B OP1   1 
HETATM 268 O OP2   . 0DC B 1 6 ? 11.566  4.098   0.449   1.00 40.87 ? 6   0DC B OP2   1 
HETATM 269 O "O5'" . 0DC B 1 6 ? 9.627   3.660   -1.057  1.00 32.03 ? 6   0DC B "O5'" 1 
HETATM 270 C "C5'" . 0DC B 1 6 ? 9.485   4.910   -1.694  1.00 30.04 ? 6   0DC B "C5'" 1 
HETATM 271 C "C4'" . 0DC B 1 6 ? 8.587   4.657   -2.886  1.00 30.16 ? 6   0DC B "C4'" 1 
HETATM 272 O "O4'" . 0DC B 1 6 ? 7.215   4.356   -2.455  1.00 29.71 ? 6   0DC B "O4'" 1 
HETATM 273 C "C3'" . 0DC B 1 6 ? 8.948   3.386   -3.674  1.00 34.21 ? 6   0DC B "C3'" 1 
HETATM 274 O "O3'" . 0DC B 1 6 ? 10.212  3.619   -4.416  1.00 41.30 ? 6   0DC B "O3'" 1 
HETATM 275 C "C2'" . 0DC B 1 6 ? 7.701   3.284   -4.571  1.00 30.28 ? 6   0DC B "C2'" 1 
HETATM 276 C "C1'" . 0DC B 1 6 ? 6.617   3.569   -3.535  1.00 30.86 ? 6   0DC B "C1'" 1 
HETATM 277 N N1    . 0DC B 1 6 ? 6.167   2.300   -2.992  1.00 25.41 ? 6   0DC B N1    1 
HETATM 278 C C2    . 0DC B 1 6 ? 5.274   1.591   -3.724  1.00 26.19 ? 6   0DC B C2    1 
HETATM 279 O O2    . 0DC B 1 6 ? 4.813   2.059   -4.756  1.00 27.71 ? 6   0DC B O2    1 
HETATM 280 N N3    . 0DC B 1 6 ? 4.839   0.366   -3.211  1.00 24.95 ? 6   0DC B N3    1 
HETATM 281 C C4    . 0DC B 1 6 ? 5.313   -0.209  -2.091  1.00 25.65 ? 6   0DC B C4    1 
HETATM 282 N N4    . 0DC B 1 6 ? 4.856   -1.421  -1.692  1.00 28.68 ? 6   0DC B N4    1 
HETATM 283 C C5    . 0DC B 1 6 ? 6.282   0.503   -1.386  1.00 28.67 ? 6   0DC B C5    1 
HETATM 284 C C6    . 0DC B 1 6 ? 6.678   1.697   -1.871  1.00 25.50 ? 6   0DC B C6    1 
HETATM 285 C C8A   . 0DA B 1 7 ? 7.497   -0.656  -5.467  1.00 26.02 ? 7   0DA B C8A   1 
HETATM 286 N N9A   . 0DA B 1 7 ? 6.869   -0.738  -6.637  1.00 27.24 ? 7   0DA B N9A   1 
HETATM 287 C C4A   . 0DA B 1 7 ? 6.044   -1.767  -6.569  1.00 26.83 ? 7   0DA B C4A   1 
HETATM 288 C C5A   . 0DA B 1 7 ? 6.148   -2.346  -5.329  1.00 26.94 ? 7   0DA B C5A   1 
HETATM 289 N N7A   . 0DA B 1 7 ? 7.101   -1.649  -4.650  1.00 26.96 ? 7   0DA B N7A   1 
HETATM 290 N N3A   . 0DA B 1 7 ? 5.210   -2.196  -7.508  1.00 27.25 ? 7   0DA B N3A   1 
HETATM 291 C C2A   . 0DA B 1 7 ? 4.432   -3.270  -7.242  1.00 25.66 ? 7   0DA B C2A   1 
HETATM 292 N N1A   . 0DA B 1 7 ? 4.482   -3.875  -6.004  1.00 26.54 ? 7   0DA B N1A   1 
HETATM 293 C C6A   . 0DA B 1 7 ? 5.340   -3.423  -5.068  1.00 27.49 ? 7   0DA B C6A   1 
HETATM 294 N N6A   . 0DA B 1 7 ? 5.399   -4.035  -3.864  1.00 28.87 ? 7   0DA B N6A   1 
HETATM 295 C "C4'" . 0DA B 1 7 ? 8.773   1.665   -8.099  1.00 29.14 ? 7   0DA B "C4'" 1 
HETATM 296 O "O4'" . 0DA B 1 7 ? 7.579   1.367   -7.333  1.00 27.63 ? 7   0DA B "O4'" 1 
HETATM 297 C "C3'" . 0DA B 1 7 ? 9.259   0.243   -8.408  1.00 30.17 ? 7   0DA B "C3'" 1 
HETATM 298 C "C2'" . 0DA B 1 7 ? 7.947   -0.377  -8.836  1.00 27.12 ? 7   0DA B "C2'" 1 
HETATM 299 C "C1'" . 0DA B 1 7 ? 6.975   0.135   -7.838  1.00 27.01 ? 7   0DA B "C1'" 1 
HETATM 300 O "O3'" . 0DA B 1 7 ? 10.140  0.310   -9.505  1.00 34.53 ? 7   0DA B "O3'" 1 
HETATM 301 C "C5'" . 0DA B 1 7 ? 9.706   2.578   -7.332  1.00 31.93 ? 7   0DA B "C5'" 1 
HETATM 302 O "O5'" . 0DA B 1 7 ? 10.201  1.825   -6.224  1.00 34.37 ? 7   0DA B "O5'" 1 
HETATM 303 P P     . 0DA B 1 7 ? 11.085  2.370   -5.007  1.00 36.50 ? 7   0DA B P     1 
HETATM 304 O OP2   . 0DA B 1 7 ? 12.314  2.933   -5.580  1.00 45.07 ? 7   0DA B OP2   1 
HETATM 305 O OP1   . 0DA B 1 7 ? 11.078  1.165   -4.019  1.00 36.44 ? 7   0DA B OP1   1 
HETATM 306 P P     . 0DC B 1 8 ? 11.549  -0.541  -9.522  1.00 36.93 ? 8   0DC B P     1 
HETATM 307 O OP1   . 0DC B 1 8 ? 11.915  -0.904  -8.152  1.00 34.55 ? 8   0DC B OP1   1 
HETATM 308 O OP2   . 0DC B 1 8 ? 12.455  0.190   -10.406 1.00 39.43 ? 8   0DC B OP2   1 
HETATM 309 O "O5'" . 0DC B 1 8 ? 11.163  -1.930  -10.199 1.00 27.95 ? 8   0DC B "O5'" 1 
HETATM 310 C "C5'" . 0DC B 1 8 ? 10.773  -1.886  -11.595 1.00 28.35 ? 8   0DC B "C5'" 1 
HETATM 311 C "C4'" . 0DC B 1 8 ? 9.909   -3.119  -11.882 1.00 24.07 ? 8   0DC B "C4'" 1 
HETATM 312 O "O4'" . 0DC B 1 8 ? 8.821   -3.000  -10.927 1.00 24.78 ? 8   0DC B "O4'" 1 
HETATM 313 C "C3'" . 0DC B 1 8 ? 10.513  -4.496  -11.550 1.00 26.00 ? 8   0DC B "C3'" 1 
HETATM 314 O "O3'" . 0DC B 1 8 ? 11.357  -4.963  -12.603 1.00 28.04 ? 8   0DC B "O3'" 1 
HETATM 315 C "C2'" . 0DC B 1 8 ? 9.298   -5.325  -11.274 1.00 26.76 ? 8   0DC B "C2'" 1 
HETATM 316 C "C1'" . 0DC B 1 8 ? 8.306   -4.296  -10.702 1.00 24.92 ? 8   0DC B "C1'" 1 
HETATM 317 N N1    . 0DC B 1 8 ? 8.246   -4.491  -9.254  1.00 25.75 ? 8   0DC B N1    1 
HETATM 318 C C2    . 0DC B 1 8 ? 7.306   -5.335  -8.773  1.00 24.51 ? 8   0DC B C2    1 
HETATM 319 O O2    . 0DC B 1 8 ? 6.531   -5.955  -9.531  1.00 25.54 ? 8   0DC B O2    1 
HETATM 320 N N3    . 0DC B 1 8 ? 7.293   -5.533  -7.401  1.00 25.31 ? 8   0DC B N3    1 
HETATM 321 C C4    . 0DC B 1 8 ? 8.097   -4.917  -6.515  1.00 26.49 ? 8   0DC B C4    1 
HETATM 322 N N4    . 0DC B 1 8 ? 7.999   -5.174  -5.259  1.00 26.39 ? 8   0DC B N4    1 
HETATM 323 C C5    . 0DC B 1 8 ? 9.064   -4.010  -7.023  1.00 25.89 ? 8   0DC B C5    1 
HETATM 324 C C6    . 0DC B 1 8 ? 9.051   -3.866  -8.346  1.00 25.83 ? 8   0DC B C6    1 
HETATM 325 S S     . SO4 C 2 . ? 6.716   -3.430  0.420   0.60 48.04 ? 101 SO4 B S     1 
HETATM 326 O O1    . SO4 C 2 . ? 6.170   -4.089  -0.740  0.60 46.88 ? 101 SO4 B O1    1 
HETATM 327 O O2    . SO4 C 2 . ? 6.622   -4.317  1.541   0.60 47.12 ? 101 SO4 B O2    1 
HETATM 328 O O3    . SO4 C 2 . ? 6.017   -2.208  0.698   0.60 43.22 ? 101 SO4 B O3    1 
HETATM 329 O O4    . SO4 C 2 . ? 8.104   -3.124  0.182   0.60 46.23 ? 101 SO4 B O4    1 
HETATM 330 O O     . HOH D 3 . ? -10.974 10.813  10.998  1.00 43.51 ? 101 HOH A O     1 
HETATM 331 O O     . HOH D 3 . ? 2.876   5.292   -5.657  0.50 28.59 ? 102 HOH A O     1 
HETATM 332 O O     . HOH D 3 . ? -1.131  -2.268  -1.223  1.00 33.71 ? 103 HOH A O     1 
HETATM 333 O O     . HOH D 3 . ? -7.031  5.575   1.632   1.00 38.12 ? 104 HOH A O     1 
HETATM 334 O O     . HOH D 3 . ? 6.632   -7.078  -1.765  1.00 39.62 ? 105 HOH A O     1 
HETATM 335 O O     . HOH D 3 . ? -0.365  -5.086  -2.844  1.00 39.50 ? 106 HOH A O     1 
HETATM 336 O O     . HOH D 3 . ? -5.153  -3.189  -5.359  1.00 38.17 ? 107 HOH A O     1 
HETATM 337 O O     . HOH D 3 . ? -9.164  5.704   3.089   1.00 35.62 ? 108 HOH A O     1 
HETATM 338 O O     . HOH D 3 . ? -5.419  2.281   10.049  1.00 37.38 ? 109 HOH A O     1 
HETATM 339 O O     . HOH D 3 . ? -4.859  1.006   -5.151  1.00 31.54 ? 110 HOH A O     1 
HETATM 340 O O     . HOH D 3 . ? -2.847  4.032   9.311   0.50 27.71 ? 111 HOH A O     1 
HETATM 341 O O     . HOH D 3 . ? -3.900  1.161   -2.539  1.00 29.24 ? 112 HOH A O     1 
HETATM 342 O O     . HOH D 3 . ? -8.175  8.662   4.245   1.00 34.60 ? 113 HOH A O     1 
HETATM 343 O O     . HOH D 3 . ? -5.898  2.508   -1.160  1.00 35.85 ? 114 HOH A O     1 
HETATM 344 O O     . HOH D 3 . ? -3.341  -0.708  -0.815  1.00 36.00 ? 115 HOH A O     1 
HETATM 345 O O     . HOH E 3 . ? -0.819  -1.945  1.802   1.00 34.93 ? 201 HOH B O     1 
HETATM 346 O O     . HOH E 3 . ? -9.263  0.625   2.371   1.00 36.14 ? 202 HOH B O     1 
HETATM 347 O O     . HOH E 3 . ? -3.322  -8.971  8.289   1.00 41.90 ? 203 HOH B O     1 
HETATM 348 O O     . HOH E 3 . ? 5.387   3.417   -6.933  1.00 33.36 ? 204 HOH B O     1 
HETATM 349 O O     . HOH E 3 . ? 8.468   -2.165  -2.258  1.00 36.58 ? 205 HOH B O     1 
HETATM 350 O O     . HOH E 3 . ? -7.925  -7.276  3.500   1.00 38.43 ? 206 HOH B O     1 
HETATM 351 O O     . HOH E 3 . ? -4.498  -0.695  1.588   1.00 35.83 ? 207 HOH B O     1 
HETATM 352 O O     . HOH E 3 . ? -2.877  -2.840  3.804   1.00 31.99 ? 208 HOH B O     1 
HETATM 353 O O     . HOH E 3 . ? 8.056   4.327   9.884   1.00 35.92 ? 209 HOH B O     1 
HETATM 354 O O     . HOH E 3 . ? -6.642  -10.907 6.619   1.00 35.71 ? 210 HOH B O     1 
HETATM 355 O O     . HOH E 3 . ? 4.687   6.381   -1.384  1.00 31.51 ? 211 HOH B O     1 
HETATM 356 O O     . HOH E 3 . ? 3.897   -1.485  2.342   1.00 32.77 ? 212 HOH B O     1 
HETATM 357 O O     . HOH E 3 . ? -2.716  -4.071  13.103  1.00 37.85 ? 213 HOH B O     1 
HETATM 358 O O     . HOH E 3 . ? -10.460 -2.053  2.070   0.50 32.37 ? 214 HOH B O     1 
HETATM 359 O O     . HOH E 3 . ? 4.811   -1.788  4.970   1.00 35.20 ? 215 HOH B O     1 
HETATM 360 O O     . HOH E 3 . ? 7.757   -0.368  2.093   0.50 27.92 ? 216 HOH B O     1 
HETATM 361 O O     . HOH E 3 . ? 10.146  -3.832  -3.809  1.00 34.20 ? 217 HOH B O     1 
HETATM 362 O O     . HOH E 3 . ? -11.326 -4.673  2.349   0.50 31.20 ? 218 HOH B O     1 
HETATM 363 O O     . HOH E 3 . ? 11.119  -1.742  -5.270  1.00 33.06 ? 219 HOH B O     1 
# 
loop_
_pdbx_poly_seq_scheme.asym_id 
_pdbx_poly_seq_scheme.entity_id 
_pdbx_poly_seq_scheme.seq_id 
_pdbx_poly_seq_scheme.mon_id 
_pdbx_poly_seq_scheme.ndb_seq_num 
_pdbx_poly_seq_scheme.pdb_seq_num 
_pdbx_poly_seq_scheme.auth_seq_num 
_pdbx_poly_seq_scheme.pdb_mon_id 
_pdbx_poly_seq_scheme.auth_mon_id 
_pdbx_poly_seq_scheme.pdb_strand_id 
_pdbx_poly_seq_scheme.pdb_ins_code 
_pdbx_poly_seq_scheme.hetero 
A 1 1 0DG 1 1 1 0DG 0DG A . n 
A 1 2 XEC 2 2 2 XEC 0MU A . n 
A 1 3 0DG 3 3 3 0DG 0DG A . n 
A 1 4 0DT 4 4 4 0DT 0DT A . n 
A 1 5 0DA 5 5 5 0DA 0DA A . n 
A 1 6 0DC 6 6 6 0DC 0DC A . n 
A 1 7 0DA 7 7 7 0DA 0DA A . n 
A 1 8 0DC 8 8 8 0DC 0DC A . n 
B 1 1 0DG 1 1 1 0DG 0DG B . n 
B 1 2 XEC 2 2 2 XEC 0MU B . n 
B 1 3 0DG 3 3 3 0DG 0DG B . n 
B 1 4 0DT 4 4 4 0DT 0DT B . n 
B 1 5 0DA 5 5 5 0DA 0DA B . n 
B 1 6 0DC 6 6 6 0DC 0DC B . n 
B 1 7 0DA 7 7 7 0DA 0DA B . n 
B 1 8 0DC 8 8 8 0DC 0DC B . n 
# 
_pdbx_contact_author.id                 2 
_pdbx_contact_author.email              wz15@iu.edu 
_pdbx_contact_author.name_first         Wen 
_pdbx_contact_author.name_last          Zhang 
_pdbx_contact_author.name_mi            ? 
_pdbx_contact_author.role               'principal investigator/group leader' 
_pdbx_contact_author.identifier_ORCID   0000-0003-4811-4384 
# 
loop_
_pdbx_nonpoly_scheme.asym_id 
_pdbx_nonpoly_scheme.entity_id 
_pdbx_nonpoly_scheme.mon_id 
_pdbx_nonpoly_scheme.ndb_seq_num 
_pdbx_nonpoly_scheme.pdb_seq_num 
_pdbx_nonpoly_scheme.auth_seq_num 
_pdbx_nonpoly_scheme.pdb_mon_id 
_pdbx_nonpoly_scheme.auth_mon_id 
_pdbx_nonpoly_scheme.pdb_strand_id 
_pdbx_nonpoly_scheme.pdb_ins_code 
C 2 SO4 1  101 1  SO4 SO4 B . 
D 3 HOH 1  101 30 HOH HOH A . 
D 3 HOH 2  102 12 HOH HOH A . 
D 3 HOH 3  103 21 HOH HOH A . 
D 3 HOH 4  104 13 HOH HOH A . 
D 3 HOH 5  105 26 HOH HOH A . 
D 3 HOH 6  106 20 HOH HOH A . 
D 3 HOH 7  107 33 HOH HOH A . 
D 3 HOH 8  108 14 HOH HOH A . 
D 3 HOH 9  109 31 HOH HOH A . 
D 3 HOH 10 110 11 HOH HOH A . 
D 3 HOH 11 111 16 HOH HOH A . 
D 3 HOH 12 112 5  HOH HOH A . 
D 3 HOH 13 113 15 HOH HOH A . 
D 3 HOH 14 114 4  HOH HOH A . 
D 3 HOH 15 115 6  HOH HOH A . 
E 3 HOH 1  201 19 HOH HOH B . 
E 3 HOH 2  202 32 HOH HOH B . 
E 3 HOH 3  203 29 HOH HOH B . 
E 3 HOH 4  204 10 HOH HOH B . 
E 3 HOH 5  205 25 HOH HOH B . 
E 3 HOH 6  206 35 HOH HOH B . 
E 3 HOH 7  207 23 HOH HOH B . 
E 3 HOH 8  208 22 HOH HOH B . 
E 3 HOH 9  209 9  HOH HOH B . 
E 3 HOH 10 210 28 HOH HOH B . 
E 3 HOH 11 211 7  HOH HOH B . 
E 3 HOH 12 212 17 HOH HOH B . 
E 3 HOH 13 213 34 HOH HOH B . 
E 3 HOH 14 214 24 HOH HOH B . 
E 3 HOH 15 215 18 HOH HOH B . 
E 3 HOH 16 216 27 HOH HOH B . 
E 3 HOH 17 217 3  HOH HOH B . 
E 3 HOH 18 218 8  HOH HOH B . 
E 3 HOH 19 219 2  HOH HOH B . 
# 
_pdbx_struct_assembly.id                   1 
_pdbx_struct_assembly.details              author_defined_assembly 
_pdbx_struct_assembly.method_details       ? 
_pdbx_struct_assembly.oligomeric_details   dimeric 
_pdbx_struct_assembly.oligomeric_count     2 
# 
_pdbx_struct_assembly_gen.assembly_id       1 
_pdbx_struct_assembly_gen.oper_expression   1 
_pdbx_struct_assembly_gen.asym_id_list      A,B,C,D,E 
# 
_pdbx_struct_oper_list.id                   1 
_pdbx_struct_oper_list.type                 'identity operation' 
_pdbx_struct_oper_list.name                 1_555 
_pdbx_struct_oper_list.symmetry_operation   x,y,z 
_pdbx_struct_oper_list.matrix[1][1]         1.0000000000 
_pdbx_struct_oper_list.matrix[1][2]         0.0000000000 
_pdbx_struct_oper_list.matrix[1][3]         0.0000000000 
_pdbx_struct_oper_list.vector[1]            0.0000000000 
_pdbx_struct_oper_list.matrix[2][1]         0.0000000000 
_pdbx_struct_oper_list.matrix[2][2]         1.0000000000 
_pdbx_struct_oper_list.matrix[2][3]         0.0000000000 
_pdbx_struct_oper_list.vector[2]            0.0000000000 
_pdbx_struct_oper_list.matrix[3][1]         0.0000000000 
_pdbx_struct_oper_list.matrix[3][2]         0.0000000000 
_pdbx_struct_oper_list.matrix[3][3]         1.0000000000 
_pdbx_struct_oper_list.vector[3]            0.0000000000 
# 
loop_
_pdbx_audit_revision_history.ordinal 
_pdbx_audit_revision_history.data_content_type 
_pdbx_audit_revision_history.major_revision 
_pdbx_audit_revision_history.minor_revision 
_pdbx_audit_revision_history.revision_date 
1 'Structure model' 1 0 2023-04-12 
2 'Structure model' 1 1 2023-06-28 
3 'Structure model' 1 2 2023-10-25 
# 
_pdbx_audit_revision_details.ordinal             1 
_pdbx_audit_revision_details.revision_ordinal    1 
_pdbx_audit_revision_details.data_content_type   'Structure model' 
_pdbx_audit_revision_details.provider            repository 
_pdbx_audit_revision_details.type                'Initial release' 
_pdbx_audit_revision_details.description         ? 
_pdbx_audit_revision_details.details             ? 
# 
loop_
_pdbx_audit_revision_group.ordinal 
_pdbx_audit_revision_group.revision_ordinal 
_pdbx_audit_revision_group.data_content_type 
_pdbx_audit_revision_group.group 
1 2 'Structure model' 'Database references'    
2 3 'Structure model' 'Data collection'        
3 3 'Structure model' 'Refinement description' 
# 
loop_
_pdbx_audit_revision_category.ordinal 
_pdbx_audit_revision_category.revision_ordinal 
_pdbx_audit_revision_category.data_content_type 
_pdbx_audit_revision_category.category 
1 2 'Structure model' citation                      
2 2 'Structure model' citation_author               
3 3 'Structure model' chem_comp_atom                
4 3 'Structure model' chem_comp_bond                
5 3 'Structure model' pdbx_initial_refinement_model 
# 
loop_
_pdbx_audit_revision_item.ordinal 
_pdbx_audit_revision_item.revision_ordinal 
_pdbx_audit_revision_item.data_content_type 
_pdbx_audit_revision_item.item 
1 2 'Structure model' '_citation.journal_volume'          
2 2 'Structure model' '_citation.title'                   
3 2 'Structure model' '_citation_author.identifier_ORCID' 
# 
loop_
_software.citation_id 
_software.classification 
_software.compiler_name 
_software.compiler_version 
_software.contact_author 
_software.contact_author_email 
_software.date 
_software.description 
_software.dependencies 
_software.hardware 
_software.language 
_software.location 
_software.mods 
_software.name 
_software.os 
_software.os_version 
_software.type 
_software.version 
_software.pdbx_ordinal 
? refinement       ? ? ? ? ? ? ? ? ? ? ? REFMAC   ? ? ? 5.8.0267 1 
? 'data reduction' ? ? ? ? ? ? ? ? ? ? ? HKL-2000 ? ? ? .        2 
? 'data scaling'   ? ? ? ? ? ? ? ? ? ? ? HKL-2000 ? ? ? .        3 
? phasing          ? ? ? ? ? ? ? ? ? ? ? PHASER   ? ? ? .        4 
# 
_pdbx_entry_details.entry_id                 8F27 
_pdbx_entry_details.has_ligand_of_interest   Y 
_pdbx_entry_details.compound_details         ? 
_pdbx_entry_details.source_details           ? 
_pdbx_entry_details.nonpolymer_details       ? 
_pdbx_entry_details.sequence_details         ? 
# 
loop_
_pdbx_validate_rmsd_angle.id 
_pdbx_validate_rmsd_angle.PDB_model_num 
_pdbx_validate_rmsd_angle.auth_atom_id_1 
_pdbx_validate_rmsd_angle.auth_asym_id_1 
_pdbx_validate_rmsd_angle.auth_comp_id_1 
_pdbx_validate_rmsd_angle.auth_seq_id_1 
_pdbx_validate_rmsd_angle.PDB_ins_code_1 
_pdbx_validate_rmsd_angle.label_alt_id_1 
_pdbx_validate_rmsd_angle.auth_atom_id_2 
_pdbx_validate_rmsd_angle.auth_asym_id_2 
_pdbx_validate_rmsd_angle.auth_comp_id_2 
_pdbx_validate_rmsd_angle.auth_seq_id_2 
_pdbx_validate_rmsd_angle.PDB_ins_code_2 
_pdbx_validate_rmsd_angle.label_alt_id_2 
_pdbx_validate_rmsd_angle.auth_atom_id_3 
_pdbx_validate_rmsd_angle.auth_asym_id_3 
_pdbx_validate_rmsd_angle.auth_comp_id_3 
_pdbx_validate_rmsd_angle.auth_seq_id_3 
_pdbx_validate_rmsd_angle.PDB_ins_code_3 
_pdbx_validate_rmsd_angle.label_alt_id_3 
_pdbx_validate_rmsd_angle.angle_value 
_pdbx_validate_rmsd_angle.angle_target_value 
_pdbx_validate_rmsd_angle.angle_deviation 
_pdbx_validate_rmsd_angle.angle_standard_deviation 
_pdbx_validate_rmsd_angle.linker_flag 
1  1 "O4'" A 0DG 1 ? ? "C1'" A 0DG 1 ? ? N9    A 0DG 1 ? ? 103.55 108.00 -4.45 0.70 N 
2  1 N1    A 0DG 1 ? ? C2    A 0DG 1 ? ? N3    A 0DG 1 ? ? 118.30 123.90 -5.60 0.60 N 
3  1 C2    A 0DG 1 ? ? N3    A 0DG 1 ? ? C4    A 0DG 1 ? ? 118.78 111.90 6.88  0.50 N 
4  1 N3    A 0DG 1 ? ? C4    A 0DG 1 ? ? C5    A 0DG 1 ? ? 122.98 128.60 -5.62 0.50 N 
5  1 C4    A 0DG 1 ? ? C5    A 0DG 1 ? ? N7    A 0DG 1 ? ? 105.58 110.80 -5.22 0.40 N 
6  1 C5    A 0DG 1 ? ? N7    A 0DG 1 ? ? C8    A 0DG 1 ? ? 107.62 104.30 3.32  0.50 N 
7  1 N9    A 0DG 1 ? ? C4    A 0DG 1 ? ? C5    A 0DG 1 ? ? 108.64 105.40 3.24  0.40 N 
8  1 N1    A 0DG 1 ? ? C6    A 0DG 1 ? ? O6    A 0DG 1 ? ? 124.95 119.90 5.05  0.60 N 
9  1 C5    A 0DG 1 ? ? C6    A 0DG 1 ? ? O6    A 0DG 1 ? ? 122.51 128.60 -6.09 0.60 N 
10 1 N1    A 0DG 3 ? ? C2    A 0DG 3 ? ? N3    A 0DG 3 ? ? 119.67 123.90 -4.23 0.60 N 
11 1 C2    A 0DG 3 ? ? N3    A 0DG 3 ? ? C4    A 0DG 3 ? ? 115.92 111.90 4.02  0.50 N 
12 1 N3    A 0DG 3 ? ? C4    A 0DG 3 ? ? C5    A 0DG 3 ? ? 124.91 128.60 -3.69 0.50 N 
13 1 C4    A 0DG 3 ? ? C5    A 0DG 3 ? ? N7    A 0DG 3 ? ? 106.87 110.80 -3.93 0.40 N 
14 1 C5    A 0DG 3 ? ? N7    A 0DG 3 ? ? C8    A 0DG 3 ? ? 107.32 104.30 3.02  0.50 N 
15 1 N9    A 0DG 3 ? ? C4    A 0DG 3 ? ? C5    A 0DG 3 ? ? 109.08 105.40 3.68  0.40 N 
16 1 C5    A 0DG 3 ? ? C6    A 0DG 3 ? ? O6    A 0DG 3 ? ? 124.32 128.60 -4.28 0.60 N 
17 1 "O4'" A 0DT 4 ? ? "C4'" A 0DT 4 ? ? "C3'" A 0DT 4 ? ? 101.31 104.50 -3.19 0.40 N 
18 1 "O4'" A 0DT 4 ? ? "C1'" A 0DT 4 ? ? "C2'" A 0DT 4 ? ? 110.61 106.80 3.81  0.50 N 
19 1 C2    A 0DT 4 ? ? N3    A 0DT 4 ? ? C4    A 0DT 4 ? ? 122.02 127.20 -5.18 0.60 N 
20 1 N3    A 0DT 4 ? ? C2    A 0DT 4 ? ? O2    A 0DT 4 ? ? 118.33 122.30 -3.97 0.60 N 
21 1 "C5'" A 0DA 5 ? ? "C4'" A 0DA 5 ? ? "O4'" A 0DA 5 ? ? 116.67 109.80 6.87  1.10 N 
22 1 C2    A 0DC 6 ? ? N3    A 0DC 6 ? ? C4    A 0DC 6 ? ? 126.06 119.90 6.16  0.50 N 
23 1 N3    A 0DC 6 ? ? C4    A 0DC 6 ? ? C5    A 0DC 6 ? ? 117.54 121.90 -4.36 0.40 N 
24 1 C5    A 0DC 6 ? ? C6    A 0DC 6 ? ? N1    A 0DC 6 ? ? 124.17 121.00 3.17  0.50 N 
25 1 "O4'" A 0DC 8 ? ? "C4'" A 0DC 8 ? ? "C3'" A 0DC 8 ? ? 99.54  104.50 -4.96 0.40 N 
26 1 C6    A 0DC 8 ? ? N1    A 0DC 8 ? ? C2    A 0DC 8 ? ? 116.60 120.30 -3.70 0.40 N 
27 1 C2    A 0DC 8 ? ? N3    A 0DC 8 ? ? C4    A 0DC 8 ? ? 123.37 119.90 3.47  0.50 N 
28 1 N3    A 0DC 8 ? ? C4    A 0DC 8 ? ? C5    A 0DC 8 ? ? 115.63 121.90 -6.27 0.40 N 
29 1 C5    A 0DC 8 ? ? C6    A 0DC 8 ? ? N1    A 0DC 8 ? ? 124.59 121.00 3.59  0.50 N 
30 1 N3    A 0DC 8 ? ? C4    A 0DC 8 ? ? N4    A 0DC 8 ? ? 123.12 118.00 5.12  0.70 N 
31 1 N1    B 0DG 1 ? ? C2    B 0DG 1 ? ? N3    B 0DG 1 ? ? 116.06 123.90 -7.84 0.60 N 
32 1 C2    B 0DG 1 ? ? N3    B 0DG 1 ? ? C4    B 0DG 1 ? ? 118.82 111.90 6.92  0.50 N 
33 1 N3    B 0DG 1 ? ? C4    B 0DG 1 ? ? C5    B 0DG 1 ? ? 125.02 128.60 -3.58 0.50 N 
34 1 C4    B 0DG 1 ? ? C5    B 0DG 1 ? ? N7    B 0DG 1 ? ? 107.99 110.80 -2.81 0.40 N 
35 1 C5    B 0DG 1 ? ? N7    B 0DG 1 ? ? C8    B 0DG 1 ? ? 109.49 104.30 5.19  0.50 N 
36 1 N7    B 0DG 1 ? ? C8    B 0DG 1 ? ? N9    B 0DG 1 ? ? 107.43 113.10 -5.67 0.50 N 
37 1 N3    B 0DG 1 ? ? C2    B 0DG 1 ? ? N2    B 0DG 1 ? ? 126.49 119.90 6.59  0.70 N 
38 1 N1    B 0DG 1 ? ? C6    B 0DG 1 ? ? O6    B 0DG 1 ? ? 125.31 119.90 5.41  0.60 N 
39 1 C5    B 0DG 1 ? ? C6    B 0DG 1 ? ? O6    B 0DG 1 ? ? 120.28 128.60 -8.32 0.60 N 
40 1 N1    B 0DG 3 ? ? C2    B 0DG 3 ? ? N3    B 0DG 3 ? ? 119.86 123.90 -4.04 0.60 N 
41 1 C2    B 0DG 3 ? ? N3    B 0DG 3 ? ? C4    B 0DG 3 ? ? 116.23 111.90 4.33  0.50 N 
42 1 N3    B 0DG 3 ? ? C4    B 0DG 3 ? ? C5    B 0DG 3 ? ? 125.12 128.60 -3.48 0.50 N 
43 1 C5    B 0DG 3 ? ? C6    B 0DG 3 ? ? N1    B 0DG 3 ? ? 114.54 111.50 3.04  0.50 N 
44 1 C4    B 0DG 3 ? ? C5    B 0DG 3 ? ? N7    B 0DG 3 ? ? 107.87 110.80 -2.93 0.40 N 
45 1 N7    B 0DG 3 ? ? C8    B 0DG 3 ? ? N9    B 0DG 3 ? ? 108.72 113.10 -4.38 0.50 N 
46 1 C8    B 0DG 3 ? ? N9    B 0DG 3 ? ? C4    B 0DG 3 ? ? 109.08 106.40 2.68  0.40 N 
47 1 "C1'" B 0DT 4 ? ? "O4'" B 0DT 4 ? ? "C4'" B 0DT 4 ? ? 103.05 110.10 -7.05 1.00 N 
48 1 "O4'" B 0DT 4 ? ? "C1'" B 0DT 4 ? ? "C2'" B 0DT 4 ? ? 113.10 106.80 6.30  0.50 N 
49 1 N1    B 0DT 4 ? ? C2    B 0DT 4 ? ? N3    B 0DT 4 ? ? 118.21 114.60 3.61  0.60 N 
50 1 C2    B 0DT 4 ? ? N3    B 0DT 4 ? ? C4    B 0DT 4 ? ? 121.60 127.20 -5.60 0.60 N 
51 1 N3    B 0DT 4 ? ? C4    B 0DT 4 ? ? C5    B 0DT 4 ? ? 120.18 115.20 4.98  0.60 N 
52 1 N3    B 0DT 4 ? ? C2    B 0DT 4 ? ? O2    B 0DT 4 ? ? 117.70 122.30 -4.60 0.60 N 
53 1 "O5'" B 0DA 5 ? ? "C5'" B 0DA 5 ? ? "C4'" B 0DA 5 ? ? 102.57 109.40 -6.83 0.80 N 
54 1 "O4'" B 0DC 6 ? ? "C4'" B 0DC 6 ? ? "C3'" B 0DC 6 ? ? 101.51 104.50 -2.99 0.40 N 
55 1 C6    B 0DC 6 ? ? N1    B 0DC 6 ? ? C2    B 0DC 6 ? ? 117.20 120.30 -3.10 0.40 N 
56 1 C2    B 0DC 6 ? ? N3    B 0DC 6 ? ? C4    B 0DC 6 ? ? 124.76 119.90 4.86  0.50 N 
57 1 N3    B 0DC 6 ? ? C4    B 0DC 6 ? ? C5    B 0DC 6 ? ? 116.60 121.90 -5.30 0.40 N 
58 1 C5    B 0DC 6 ? ? C6    B 0DC 6 ? ? N1    B 0DC 6 ? ? 125.03 121.00 4.03  0.50 N 
59 1 "O4'" B 0DA 7 ? ? "C4'" B 0DA 7 ? ? "C3'" B 0DA 7 ? ? 100.15 104.50 -4.35 0.40 N 
60 1 C6    B 0DC 8 ? ? N1    B 0DC 8 ? ? C2    B 0DC 8 ? ? 117.31 120.30 -2.99 0.40 N 
61 1 C2    B 0DC 8 ? ? N3    B 0DC 8 ? ? C4    B 0DC 8 ? ? 125.54 119.90 5.64  0.50 N 
62 1 N3    B 0DC 8 ? ? C4    B 0DC 8 ? ? C5    B 0DC 8 ? ? 117.60 121.90 -4.30 0.40 N 
63 1 C5    B 0DC 8 ? ? C6    B 0DC 8 ? ? N1    B 0DC 8 ? ? 128.14 121.00 7.14  0.50 N 
# 
loop_
_chem_comp_atom.comp_id 
_chem_comp_atom.atom_id 
_chem_comp_atom.type_symbol 
_chem_comp_atom.pdbx_aromatic_flag 
_chem_comp_atom.pdbx_stereo_config 
_chem_comp_atom.pdbx_ordinal 
0DA C8A    C Y N 1   
0DA N9A    N Y N 2   
0DA C4A    C Y N 3   
0DA C5A    C Y N 4   
0DA N7A    N Y N 5   
0DA N3A    N Y N 6   
0DA C2A    C Y N 7   
0DA N1A    N Y N 8   
0DA C6A    C Y N 9   
0DA N6A    N N N 10  
0DA "C4'"  C N S 11  
0DA "O4'"  O N N 12  
0DA "C3'"  C N R 13  
0DA "C2'"  C N N 14  
0DA "C1'"  C N S 15  
0DA "O3'"  O N N 16  
0DA "C5'"  C N N 17  
0DA "O5'"  O N N 18  
0DA P      P N N 19  
0DA OP2    O N N 20  
0DA OP3    O N N 21  
0DA OP1    O N N 22  
0DA H8A    H N N 23  
0DA H2A    H N N 24  
0DA HN61   H N N 25  
0DA HN62   H N N 26  
0DA "H4'"  H N N 27  
0DA "H3'"  H N N 28  
0DA "H2'"  H N N 29  
0DA "H2''" H N N 30  
0DA "H1'"  H N N 31  
0DA "HO3'" H N N 32  
0DA "H5'"  H N N 33  
0DA "H5''" H N N 34  
0DA H2P    H N N 35  
0DA HOP3   H N N 36  
0DC OP3    O N N 37  
0DC P      P N N 38  
0DC OP1    O N N 39  
0DC OP2    O N N 40  
0DC "O5'"  O N N 41  
0DC "C5'"  C N N 42  
0DC "C4'"  C N S 43  
0DC "O4'"  O N N 44  
0DC "C3'"  C N R 45  
0DC "O3'"  O N N 46  
0DC "C2'"  C N N 47  
0DC "C1'"  C N S 48  
0DC N1     N N N 49  
0DC C2     C N N 50  
0DC O2     O N N 51  
0DC N3     N N N 52  
0DC C4     C N N 53  
0DC N4     N N N 54  
0DC C5     C N N 55  
0DC C6     C N N 56  
0DC HOP3   H N N 57  
0DC HOP2   H N N 58  
0DC "H5'"  H N N 59  
0DC "H5''" H N N 60  
0DC "H4'"  H N N 61  
0DC "H3'"  H N N 62  
0DC "HO3'" H N N 63  
0DC "H2'"  H N N 64  
0DC "H2''" H N N 65  
0DC "H1'"  H N N 66  
0DC H41    H N N 67  
0DC H42    H N N 68  
0DC H5     H N N 69  
0DC H6     H N N 70  
0DG OP3    O N N 71  
0DG P      P N N 72  
0DG OP1    O N N 73  
0DG OP2    O N N 74  
0DG "O5'"  O N N 75  
0DG "C5'"  C N N 76  
0DG "C4'"  C N S 77  
0DG "O4'"  O N N 78  
0DG "C3'"  C N R 79  
0DG "O3'"  O N N 80  
0DG "C2'"  C N N 81  
0DG "C1'"  C N S 82  
0DG N9     N Y N 83  
0DG C8     C Y N 84  
0DG N7     N Y N 85  
0DG C5     C Y N 86  
0DG C6     C N N 87  
0DG O6     O N N 88  
0DG N1     N N N 89  
0DG C2     C N N 90  
0DG N2     N N N 91  
0DG N3     N N N 92  
0DG C4     C Y N 93  
0DG HOP3   H N N 94  
0DG HOP2   H N N 95  
0DG "H5'"  H N N 96  
0DG "H5''" H N N 97  
0DG "H4'"  H N N 98  
0DG "H3'"  H N N 99  
0DG "HO3'" H N N 100 
0DG "H2'"  H N N 101 
0DG "H2''" H N N 102 
0DG "H1'"  H N N 103 
0DG H8     H N N 104 
0DG H1     H N N 105 
0DG H21    H N N 106 
0DG H22    H N N 107 
0DT OP3    O N N 108 
0DT P      P N N 109 
0DT OP1    O N N 110 
0DT OP2    O N N 111 
0DT "O5'"  O N N 112 
0DT "C5'"  C N N 113 
0DT "C4'"  C N S 114 
0DT "O4'"  O N N 115 
0DT "C3'"  C N R 116 
0DT "O3'"  O N N 117 
0DT "C2'"  C N N 118 
0DT "C1'"  C N S 119 
0DT N1     N N N 120 
0DT C2     C N N 121 
0DT O2     O N N 122 
0DT N3     N N N 123 
0DT C4     C N N 124 
0DT O4     O N N 125 
0DT C5     C N N 126 
0DT C5M    C N N 127 
0DT C6     C N N 128 
0DT HOP3   H N N 129 
0DT HOP2   H N N 130 
0DT "H5'"  H N N 131 
0DT "H5''" H N N 132 
0DT "H4'"  H N N 133 
0DT "H3'"  H N N 134 
0DT "HO3'" H N N 135 
0DT "H2'"  H N N 136 
0DT "H2''" H N N 137 
0DT "H1'"  H N N 138 
0DT H3     H N N 139 
0DT H71    H N N 140 
0DT H72    H N N 141 
0DT H73    H N N 142 
0DT H6     H N N 143 
HOH O      O N N 144 
HOH H1     H N N 145 
HOH H2     H N N 146 
SO4 S      S N N 147 
SO4 O1     O N N 148 
SO4 O2     O N N 149 
SO4 O3     O N N 150 
SO4 O4     O N N 151 
XEC N1     N N N 152 
XEC C2     C N N 153 
XEC N3     N N N 154 
XEC C4     C N N 155 
XEC C5     C N N 156 
XEC C6     C N N 157 
XEC O2     O N N 158 
XEC O4     O N N 159 
XEC "C1'"  C N S 160 
XEC "C2'"  C N S 161 
XEC "O2'"  O N N 162 
XEC CM2    C N N 163 
XEC "C3'"  C N S 164 
XEC "C4'"  C N S 165 
XEC "O3'"  O N N 166 
XEC "O4'"  O N N 167 
XEC "C5'"  C N N 168 
XEC "O5'"  O N N 169 
XEC P      P N N 170 
XEC OP1    O N N 171 
XEC OP2    O N N 172 
XEC H1     H N N 173 
XEC H2     H N N 174 
XEC H3     H N N 175 
XEC H4     H N N 176 
XEC H5     H N N 177 
XEC H6     H N N 178 
XEC H7     H N N 179 
XEC H8     H N N 180 
XEC H9     H N N 181 
XEC H10    H N N 182 
XEC H11    H N N 183 
XEC H12    H N N 184 
XEC H13    H N N 185 
XEC H15    H N N 186 
XEC OP3    O N N 187 
XEC H14    H N N 188 
# 
loop_
_chem_comp_bond.comp_id 
_chem_comp_bond.atom_id_1 
_chem_comp_bond.atom_id_2 
_chem_comp_bond.value_order 
_chem_comp_bond.pdbx_aromatic_flag 
_chem_comp_bond.pdbx_stereo_config 
_chem_comp_bond.pdbx_ordinal 
0DA C8A   N9A    sing Y N 1   
0DA C8A   N7A    doub Y N 2   
0DA N9A   C4A    sing Y N 3   
0DA N9A   "C1'"  sing N N 4   
0DA C4A   C5A    doub Y N 5   
0DA C4A   N3A    sing Y N 6   
0DA C5A   N7A    sing Y N 7   
0DA C5A   C6A    sing Y N 8   
0DA N3A   C2A    doub Y N 9   
0DA C2A   N1A    sing Y N 10  
0DA N1A   C6A    doub Y N 11  
0DA C6A   N6A    sing N N 12  
0DA "C4'" "O4'"  sing N N 13  
0DA "C4'" "C3'"  sing N N 14  
0DA "O4'" "C1'"  sing N N 15  
0DA "C3'" "C2'"  sing N N 16  
0DA "C2'" "C1'"  sing N N 17  
0DA "C3'" "O3'"  sing N N 18  
0DA "C4'" "C5'"  sing N N 19  
0DA "C5'" "O5'"  sing N N 20  
0DA "O5'" P      sing N N 21  
0DA P     OP2    sing N N 22  
0DA P     OP3    sing N N 23  
0DA P     OP1    doub N N 24  
0DA C8A   H8A    sing N N 25  
0DA C2A   H2A    sing N N 26  
0DA N6A   HN61   sing N N 27  
0DA N6A   HN62   sing N N 28  
0DA "C4'" "H4'"  sing N N 29  
0DA "C3'" "H3'"  sing N N 30  
0DA "C2'" "H2'"  sing N N 31  
0DA "C2'" "H2''" sing N N 32  
0DA "C1'" "H1'"  sing N N 33  
0DA "O3'" "HO3'" sing N N 34  
0DA "C5'" "H5'"  sing N N 35  
0DA "C5'" "H5''" sing N N 36  
0DA OP2   H2P    sing N N 37  
0DA OP3   HOP3   sing N N 38  
0DC OP3   P      sing N N 39  
0DC OP3   HOP3   sing N N 40  
0DC P     OP1    doub N N 41  
0DC P     OP2    sing N N 42  
0DC P     "O5'"  sing N N 43  
0DC OP2   HOP2   sing N N 44  
0DC "O5'" "C5'"  sing N N 45  
0DC "C5'" "C4'"  sing N N 46  
0DC "C5'" "H5'"  sing N N 47  
0DC "C5'" "H5''" sing N N 48  
0DC "C4'" "O4'"  sing N N 49  
0DC "C4'" "C3'"  sing N N 50  
0DC "C4'" "H4'"  sing N N 51  
0DC "O4'" "C1'"  sing N N 52  
0DC "C3'" "O3'"  sing N N 53  
0DC "C3'" "C2'"  sing N N 54  
0DC "C3'" "H3'"  sing N N 55  
0DC "O3'" "HO3'" sing N N 56  
0DC "C2'" "C1'"  sing N N 57  
0DC "C2'" "H2'"  sing N N 58  
0DC "C2'" "H2''" sing N N 59  
0DC "C1'" N1     sing N N 60  
0DC "C1'" "H1'"  sing N N 61  
0DC N1    C2     sing N N 62  
0DC N1    C6     sing N N 63  
0DC C2    O2     doub N N 64  
0DC C2    N3     sing N N 65  
0DC N3    C4     doub N N 66  
0DC C4    N4     sing N N 67  
0DC C4    C5     sing N N 68  
0DC N4    H41    sing N N 69  
0DC N4    H42    sing N N 70  
0DC C5    C6     doub N N 71  
0DC C5    H5     sing N N 72  
0DC C6    H6     sing N N 73  
0DG OP3   P      sing N N 74  
0DG OP3   HOP3   sing N N 75  
0DG P     OP1    doub N N 76  
0DG P     OP2    sing N N 77  
0DG P     "O5'"  sing N N 78  
0DG OP2   HOP2   sing N N 79  
0DG "O5'" "C5'"  sing N N 80  
0DG "C5'" "C4'"  sing N N 81  
0DG "C5'" "H5'"  sing N N 82  
0DG "C5'" "H5''" sing N N 83  
0DG "C4'" "O4'"  sing N N 84  
0DG "C4'" "C3'"  sing N N 85  
0DG "C4'" "H4'"  sing N N 86  
0DG "O4'" "C1'"  sing N N 87  
0DG "C3'" "O3'"  sing N N 88  
0DG "C3'" "C2'"  sing N N 89  
0DG "C3'" "H3'"  sing N N 90  
0DG "O3'" "HO3'" sing N N 91  
0DG "C2'" "C1'"  sing N N 92  
0DG "C2'" "H2'"  sing N N 93  
0DG "C2'" "H2''" sing N N 94  
0DG "C1'" N9     sing N N 95  
0DG "C1'" "H1'"  sing N N 96  
0DG N9    C8     sing Y N 97  
0DG N9    C4     sing Y N 98  
0DG C8    N7     doub Y N 99  
0DG C8    H8     sing N N 100 
0DG N7    C5     sing Y N 101 
0DG C5    C6     sing N N 102 
0DG C5    C4     doub Y N 103 
0DG C6    O6     doub N N 104 
0DG C6    N1     sing N N 105 
0DG N1    C2     sing N N 106 
0DG N1    H1     sing N N 107 
0DG C2    N2     sing N N 108 
0DG C2    N3     doub N N 109 
0DG N2    H21    sing N N 110 
0DG N2    H22    sing N N 111 
0DG N3    C4     sing N N 112 
0DT OP3   P      sing N N 113 
0DT OP3   HOP3   sing N N 114 
0DT P     OP1    doub N N 115 
0DT P     OP2    sing N N 116 
0DT P     "O5'"  sing N N 117 
0DT OP2   HOP2   sing N N 118 
0DT "O5'" "C5'"  sing N N 119 
0DT "C5'" "C4'"  sing N N 120 
0DT "C5'" "H5'"  sing N N 121 
0DT "C5'" "H5''" sing N N 122 
0DT "C4'" "O4'"  sing N N 123 
0DT "C4'" "C3'"  sing N N 124 
0DT "C4'" "H4'"  sing N N 125 
0DT "O4'" "C1'"  sing N N 126 
0DT "C3'" "O3'"  sing N N 127 
0DT "C3'" "C2'"  sing N N 128 
0DT "C3'" "H3'"  sing N N 129 
0DT "O3'" "HO3'" sing N N 130 
0DT "C2'" "C1'"  sing N N 131 
0DT "C2'" "H2'"  sing N N 132 
0DT "C2'" "H2''" sing N N 133 
0DT "C1'" N1     sing N N 134 
0DT "C1'" "H1'"  sing N N 135 
0DT N1    C2     sing N N 136 
0DT N1    C6     sing N N 137 
0DT C2    O2     doub N N 138 
0DT C2    N3     sing N N 139 
0DT N3    C4     sing N N 140 
0DT N3    H3     sing N N 141 
0DT C4    O4     doub N N 142 
0DT C4    C5     sing N N 143 
0DT C5    C5M    sing N N 144 
0DT C5    C6     doub N N 145 
0DT C5M   H71    sing N N 146 
0DT C5M   H72    sing N N 147 
0DT C5M   H73    sing N N 148 
0DT C6    H6     sing N N 149 
HOH O     H1     sing N N 150 
HOH O     H2     sing N N 151 
SO4 S     O1     doub N N 152 
SO4 S     O2     doub N N 153 
SO4 S     O3     sing N N 154 
SO4 S     O4     sing N N 155 
XEC OP2   P      sing N N 156 
XEC "C5'" "C4'"  sing N N 157 
XEC "C5'" "O5'"  sing N N 158 
XEC P     "O5'"  sing N N 159 
XEC P     OP1    doub N N 160 
XEC "C4'" "O4'"  sing N N 161 
XEC "C4'" "C3'"  sing N N 162 
XEC "O4'" "C1'"  sing N N 163 
XEC "O2'" CM2    sing N N 164 
XEC "O2'" "C2'"  sing N N 165 
XEC "C1'" "C2'"  sing N N 166 
XEC "C1'" N1     sing N N 167 
XEC "C3'" "O3'"  sing N N 168 
XEC "C3'" "C2'"  sing N N 169 
XEC N1    C6     sing N N 170 
XEC N1    C2     sing N N 171 
XEC C6    C5     doub N N 172 
XEC O2    C2     doub N N 173 
XEC C2    N3     sing N N 174 
XEC C5    C4     sing N N 175 
XEC N3    C4     sing N N 176 
XEC C4    O4     doub N N 177 
XEC N3    H1     sing N N 178 
XEC C5    H2     sing N N 179 
XEC C6    H3     sing N N 180 
XEC "C1'" H4     sing N N 181 
XEC "C2'" H5     sing N N 182 
XEC CM2   H6     sing N N 183 
XEC CM2   H7     sing N N 184 
XEC CM2   H8     sing N N 185 
XEC "C3'" H9     sing N N 186 
XEC "C4'" H10    sing N N 187 
XEC "O3'" H11    sing N N 188 
XEC "C5'" H12    sing N N 189 
XEC "C5'" H13    sing N N 190 
XEC OP2   H15    sing N N 191 
XEC P     OP3    sing N N 192 
XEC OP3   H14    sing N N 193 
# 
_ndb_struct_conf_na.entry_id   8F27 
_ndb_struct_conf_na.feature    'z-form double helix' 
# 
loop_
_ndb_struct_na_base_pair.model_number 
_ndb_struct_na_base_pair.i_label_asym_id 
_ndb_struct_na_base_pair.i_label_comp_id 
_ndb_struct_na_base_pair.i_label_seq_id 
_ndb_struct_na_base_pair.i_symmetry 
_ndb_struct_na_base_pair.j_label_asym_id 
_ndb_struct_na_base_pair.j_label_comp_id 
_ndb_struct_na_base_pair.j_label_seq_id 
_ndb_struct_na_base_pair.j_symmetry 
_ndb_struct_na_base_pair.shear 
_ndb_struct_na_base_pair.stretch 
_ndb_struct_na_base_pair.stagger 
_ndb_struct_na_base_pair.buckle 
_ndb_struct_na_base_pair.propeller 
_ndb_struct_na_base_pair.opening 
_ndb_struct_na_base_pair.pair_number 
_ndb_struct_na_base_pair.pair_name 
_ndb_struct_na_base_pair.i_auth_asym_id 
_ndb_struct_na_base_pair.i_auth_seq_id 
_ndb_struct_na_base_pair.i_PDB_ins_code 
_ndb_struct_na_base_pair.j_auth_asym_id 
_ndb_struct_na_base_pair.j_auth_seq_id 
_ndb_struct_na_base_pair.j_PDB_ins_code 
_ndb_struct_na_base_pair.hbond_type_28 
_ndb_struct_na_base_pair.hbond_type_12 
1 A 0DG 1 1_555 B 0DC 8 1_555 0.266  -0.082 -0.290 -19.164 8.051  1.081  1 A_0DG1:0DC8_B A 1 ? B 8 ? 19 1 
1 A 0DG 3 1_555 B 0DC 6 1_555 0.249  -0.093 0.254  -3.307  14.796 0.973  2 A_0DG3:0DC6_B A 3 ? B 6 ? 19 1 
1 A 0DC 6 1_555 B 0DG 3 1_555 -0.284 -0.125 -0.030 7.363   12.902 -0.308 3 A_0DC6:0DG3_B A 6 ? B 3 ? 19 1 
1 A 0DC 8 1_555 B 0DG 1 1_555 -0.345 -0.146 -0.269 14.666  10.771 1.230  4 A_0DC8:0DG1_B A 8 ? B 1 ? 19 1 
# 
loop_
_ndb_struct_na_base_pair_step.model_number 
_ndb_struct_na_base_pair_step.i_label_asym_id_1 
_ndb_struct_na_base_pair_step.i_label_comp_id_1 
_ndb_struct_na_base_pair_step.i_label_seq_id_1 
_ndb_struct_na_base_pair_step.i_symmetry_1 
_ndb_struct_na_base_pair_step.j_label_asym_id_1 
_ndb_struct_na_base_pair_step.j_label_comp_id_1 
_ndb_struct_na_base_pair_step.j_label_seq_id_1 
_ndb_struct_na_base_pair_step.j_symmetry_1 
_ndb_struct_na_base_pair_step.i_label_asym_id_2 
_ndb_struct_na_base_pair_step.i_label_comp_id_2 
_ndb_struct_na_base_pair_step.i_label_seq_id_2 
_ndb_struct_na_base_pair_step.i_symmetry_2 
_ndb_struct_na_base_pair_step.j_label_asym_id_2 
_ndb_struct_na_base_pair_step.j_label_comp_id_2 
_ndb_struct_na_base_pair_step.j_label_seq_id_2 
_ndb_struct_na_base_pair_step.j_symmetry_2 
_ndb_struct_na_base_pair_step.shift 
_ndb_struct_na_base_pair_step.slide 
_ndb_struct_na_base_pair_step.rise 
_ndb_struct_na_base_pair_step.tilt 
_ndb_struct_na_base_pair_step.roll 
_ndb_struct_na_base_pair_step.twist 
_ndb_struct_na_base_pair_step.x_displacement 
_ndb_struct_na_base_pair_step.y_displacement 
_ndb_struct_na_base_pair_step.helical_rise 
_ndb_struct_na_base_pair_step.inclination 
_ndb_struct_na_base_pair_step.tip 
_ndb_struct_na_base_pair_step.helical_twist 
_ndb_struct_na_base_pair_step.step_number 
_ndb_struct_na_base_pair_step.step_name 
_ndb_struct_na_base_pair_step.i_auth_asym_id_1 
_ndb_struct_na_base_pair_step.i_auth_seq_id_1 
_ndb_struct_na_base_pair_step.i_PDB_ins_code_1 
_ndb_struct_na_base_pair_step.j_auth_asym_id_1 
_ndb_struct_na_base_pair_step.j_auth_seq_id_1 
_ndb_struct_na_base_pair_step.j_PDB_ins_code_1 
_ndb_struct_na_base_pair_step.i_auth_asym_id_2 
_ndb_struct_na_base_pair_step.i_auth_seq_id_2 
_ndb_struct_na_base_pair_step.i_PDB_ins_code_2 
_ndb_struct_na_base_pair_step.j_auth_asym_id_2 
_ndb_struct_na_base_pair_step.j_auth_seq_id_2 
_ndb_struct_na_base_pair_step.j_PDB_ins_code_2 
1 A 0DG 1 1_555 B 0DC 8 1_555 A 0DG 3 1_555 B 0DC 6 1_555 -0.475 -3.044 6.081 -4.082 -18.677 -55.892 4.766 -0.849 4.885 19.310 
-4.221 -58.821 1 AA_0DG10DG3:0DC60DC8_BB A 1 ? B 8 ? A 3 ? B 6 ? 
1 A 0DC 6 1_555 B 0DG 3 1_555 A 0DC 8 1_555 B 0DG 1 1_555 0.732  -2.739 6.323 4.808  -26.281 -59.949 4.508 1.039  4.818 25.007 
4.575  -65.124 2 AA_0DC60DC8:0DG10DG3_BB A 6 ? B 3 ? A 8 ? B 1 ? 
# 
_pdbx_audit_support.funding_organization   'Not funded' 
_pdbx_audit_support.country                ? 
_pdbx_audit_support.grant_number           ? 
_pdbx_audit_support.ordinal                1 
# 
_pdbx_entity_instance_feature.ordinal        1 
_pdbx_entity_instance_feature.comp_id        XEC 
_pdbx_entity_instance_feature.asym_id        ? 
_pdbx_entity_instance_feature.seq_num        ? 
_pdbx_entity_instance_feature.auth_comp_id   XEC 
_pdbx_entity_instance_feature.auth_asym_id   ? 
_pdbx_entity_instance_feature.auth_seq_num   ? 
_pdbx_entity_instance_feature.feature_type   'SUBJECT OF INVESTIGATION' 
_pdbx_entity_instance_feature.details        ? 
# 
loop_
_pdbx_entity_nonpoly.entity_id 
_pdbx_entity_nonpoly.name 
_pdbx_entity_nonpoly.comp_id 
2 'SULFATE ION' SO4 
3 water         HOH 
# 
_pdbx_initial_refinement_model.id               1 
_pdbx_initial_refinement_model.entity_id_list   ? 
_pdbx_initial_refinement_model.type             'experimental model' 
_pdbx_initial_refinement_model.source_name      PDB 
_pdbx_initial_refinement_model.accession_code   7MOO 
_pdbx_initial_refinement_model.details          ? 
# 
_pdbx_struct_assembly_auth_evidence.id                     1 
_pdbx_struct_assembly_auth_evidence.assembly_id            1 
_pdbx_struct_assembly_auth_evidence.experimental_support   none 
_pdbx_struct_assembly_auth_evidence.details                ? 
# 
